data_318D
# 
_entry.id   318D 
# 
_audit_conform.dict_name       mmcif_pdbx.dic 
_audit_conform.dict_version    5.387 
_audit_conform.dict_location   http://mmcif.pdb.org/dictionaries/ascii/mmcif_pdbx.dic 
# 
loop_
_database_2.database_id 
_database_2.database_code 
_database_2.pdbx_database_accession 
_database_2.pdbx_DOI 
PDB   318D         pdb_0000318d 10.2210/pdb318d/pdb 
RCSB  ADJB79       ?            ?                   
WWPDB D_1000178786 ?            ?                   
# 
loop_
_pdbx_audit_revision_history.ordinal 
_pdbx_audit_revision_history.data_content_type 
_pdbx_audit_revision_history.major_revision 
_pdbx_audit_revision_history.minor_revision 
_pdbx_audit_revision_history.revision_date 
1 'Structure model' 1 0 1997-05-22 
2 'Structure model' 1 1 2008-05-22 
3 'Structure model' 1 2 2011-07-13 
4 'Structure model' 1 3 2024-02-21 
# 
_pdbx_audit_revision_details.ordinal             1 
_pdbx_audit_revision_details.revision_ordinal    1 
_pdbx_audit_revision_details.data_content_type   'Structure model' 
_pdbx_audit_revision_details.provider            repository 
_pdbx_audit_revision_details.type                'Initial release' 
_pdbx_audit_revision_details.description         ? 
_pdbx_audit_revision_details.details             ? 
# 
loop_
_pdbx_audit_revision_group.ordinal 
_pdbx_audit_revision_group.revision_ordinal 
_pdbx_audit_revision_group.data_content_type 
_pdbx_audit_revision_group.group 
1 2 'Structure model' 'Version format compliance' 
2 3 'Structure model' 'Version format compliance' 
3 4 'Structure model' 'Data collection'           
4 4 'Structure model' 'Database references'       
5 4 'Structure model' 'Derived calculations'      
# 
loop_
_pdbx_audit_revision_category.ordinal 
_pdbx_audit_revision_category.revision_ordinal 
_pdbx_audit_revision_category.data_content_type 
_pdbx_audit_revision_category.category 
1 4 'Structure model' chem_comp_atom 
2 4 'Structure model' chem_comp_bond 
3 4 'Structure model' database_2     
4 4 'Structure model' struct_conn    
# 
loop_
_pdbx_audit_revision_item.ordinal 
_pdbx_audit_revision_item.revision_ordinal 
_pdbx_audit_revision_item.data_content_type 
_pdbx_audit_revision_item.item 
1 4 'Structure model' '_database_2.pdbx_DOI'                
2 4 'Structure model' '_database_2.pdbx_database_accession' 
3 4 'Structure model' '_struct_conn.pdbx_leaving_atom_flag' 
# 
_pdbx_database_status.status_code                     REL 
_pdbx_database_status.entry_id                        318D 
_pdbx_database_status.recvd_initial_deposition_date   1997-03-17 
_pdbx_database_status.deposit_site                    NDB 
_pdbx_database_status.process_site                    NDB 
_pdbx_database_status.status_code_sf                  REL 
_pdbx_database_status.status_code_mr                  ? 
_pdbx_database_status.SG_entry                        ? 
_pdbx_database_status.pdb_format_compatible           Y 
_pdbx_database_status.status_code_cs                  ? 
_pdbx_database_status.status_code_nmr_data            ? 
_pdbx_database_status.methods_development_category    ? 
# 
loop_
_audit_author.name 
_audit_author.pdbx_ordinal 
'Tippin, D.B.'      1 
'Sundaralingam, M.' 2 
# 
_citation.id                        primary 
_citation.title                     
;Nine polymorphic crystal structures of d(CCGGGCCCGG), d(CCGGGCCm5CGG), d(Cm5CGGGCCm5CGG) and d(CCGGGCC(Br)5CGG) in three different conformations: effects of spermine binding and methylation on the bending and condensation of A-DNA.
;
_citation.journal_abbrev            J.Mol.Biol. 
_citation.journal_volume            267 
_citation.page_first                1171 
_citation.page_last                 1185 
_citation.year                      1997 
_citation.journal_id_ASTM           JMOBAK 
_citation.country                   UK 
_citation.journal_id_ISSN           0022-2836 
_citation.journal_id_CSD            0070 
_citation.book_publisher            ? 
_citation.pdbx_database_id_PubMed   9150405 
_citation.pdbx_database_id_DOI      10.1006/jmbi.1997.0945 
# 
loop_
_citation_author.citation_id 
_citation_author.name 
_citation_author.ordinal 
_citation_author.identifier_ORCID 
primary 'Tippin, D.B.'      1 ? 
primary 'Sundaralingam, M.' 2 ? 
# 
loop_
_entity.id 
_entity.type 
_entity.src_method 
_entity.pdbx_description 
_entity.formula_weight 
_entity.pdbx_number_of_molecules 
_entity.pdbx_ec 
_entity.pdbx_mutation 
_entity.pdbx_fragment 
_entity.details 
1 polymer syn 
;DNA (5'-D(*CP*CP*GP*GP*GP*CP*CP*(CBR)P*GP*G)-3')
;
3125.876 2   ? ? ? ? 
2 water   nat water                                              18.015   106 ? ? ? ? 
# 
_entity_poly.entity_id                      1 
_entity_poly.type                           polydeoxyribonucleotide 
_entity_poly.nstd_linkage                   no 
_entity_poly.nstd_monomer                   yes 
_entity_poly.pdbx_seq_one_letter_code       '(DC)(DC)(DG)(DG)(DG)(DC)(DC)(CBR)(DG)(DG)' 
_entity_poly.pdbx_seq_one_letter_code_can   CCGGGCCCGG 
_entity_poly.pdbx_strand_id                 A,B 
_entity_poly.pdbx_target_identifier         ? 
# 
_pdbx_entity_nonpoly.entity_id   2 
_pdbx_entity_nonpoly.name        water 
_pdbx_entity_nonpoly.comp_id     HOH 
# 
loop_
_entity_poly_seq.entity_id 
_entity_poly_seq.num 
_entity_poly_seq.mon_id 
_entity_poly_seq.hetero 
1 1  DC  n 
1 2  DC  n 
1 3  DG  n 
1 4  DG  n 
1 5  DG  n 
1 6  DC  n 
1 7  DC  n 
1 8  CBR n 
1 9  DG  n 
1 10 DG  n 
# 
loop_
_chem_comp.id 
_chem_comp.type 
_chem_comp.mon_nstd_flag 
_chem_comp.name 
_chem_comp.pdbx_synonyms 
_chem_comp.formula 
_chem_comp.formula_weight 
CBR 'DNA linking' n "5-BROMO-2'-DEOXY-CYTIDINE-5'-MONOPHOSPHATE" ? 'C9 H13 Br N3 O7 P' 386.093 
DC  'DNA linking' y "2'-DEOXYCYTIDINE-5'-MONOPHOSPHATE"          ? 'C9 H14 N3 O7 P'    307.197 
DG  'DNA linking' y "2'-DEOXYGUANOSINE-5'-MONOPHOSPHATE"         ? 'C10 H14 N5 O7 P'   347.221 
HOH non-polymer   . WATER                                        ? 'H2 O'              18.015  
# 
loop_
_pdbx_poly_seq_scheme.asym_id 
_pdbx_poly_seq_scheme.entity_id 
_pdbx_poly_seq_scheme.seq_id 
_pdbx_poly_seq_scheme.mon_id 
_pdbx_poly_seq_scheme.ndb_seq_num 
_pdbx_poly_seq_scheme.pdb_seq_num 
_pdbx_poly_seq_scheme.auth_seq_num 
_pdbx_poly_seq_scheme.pdb_mon_id 
_pdbx_poly_seq_scheme.auth_mon_id 
_pdbx_poly_seq_scheme.pdb_strand_id 
_pdbx_poly_seq_scheme.pdb_ins_code 
_pdbx_poly_seq_scheme.hetero 
A 1 1  DC  1  1  1  DC  C A . n 
A 1 2  DC  2  2  2  DC  C A . n 
A 1 3  DG  3  3  3  DG  G A . n 
A 1 4  DG  4  4  4  DG  G A . n 
A 1 5  DG  5  5  5  DG  G A . n 
A 1 6  DC  6  6  6  DC  C A . n 
A 1 7  DC  7  7  7  DC  C A . n 
A 1 8  CBR 8  8  8  CBR C A . n 
A 1 9  DG  9  9  9  DG  G A . n 
A 1 10 DG  10 10 10 DG  G A . n 
B 1 1  DC  1  11 11 DC  C B . n 
B 1 2  DC  2  12 12 DC  C B . n 
B 1 3  DG  3  13 13 DG  G B . n 
B 1 4  DG  4  14 14 DG  G B . n 
B 1 5  DG  5  15 15 DG  G B . n 
B 1 6  DC  6  16 16 DC  C B . n 
B 1 7  DC  7  17 17 DC  C B . n 
B 1 8  CBR 8  18 18 CBR C B . n 
B 1 9  DG  9  19 19 DG  G B . n 
B 1 10 DG  10 20 20 DG  G B . n 
# 
loop_
_pdbx_nonpoly_scheme.asym_id 
_pdbx_nonpoly_scheme.entity_id 
_pdbx_nonpoly_scheme.mon_id 
_pdbx_nonpoly_scheme.ndb_seq_num 
_pdbx_nonpoly_scheme.pdb_seq_num 
_pdbx_nonpoly_scheme.auth_seq_num 
_pdbx_nonpoly_scheme.pdb_mon_id 
_pdbx_nonpoly_scheme.auth_mon_id 
_pdbx_nonpoly_scheme.pdb_strand_id 
_pdbx_nonpoly_scheme.pdb_ins_code 
C 2 HOH 1  24  24  HOH HOH A . 
C 2 HOH 2  25  25  HOH HOH A . 
C 2 HOH 3  26  26  HOH HOH A . 
C 2 HOH 4  27  27  HOH HOH A . 
C 2 HOH 5  30  30  HOH HOH A . 
C 2 HOH 6  31  31  HOH HOH A . 
C 2 HOH 7  32  32  HOH HOH A . 
C 2 HOH 8  33  33  HOH HOH A . 
C 2 HOH 9  34  34  HOH HOH A . 
C 2 HOH 10 37  37  HOH HOH A . 
C 2 HOH 11 42  42  HOH HOH A . 
C 2 HOH 12 45  45  HOH HOH A . 
C 2 HOH 13 46  46  HOH HOH A . 
C 2 HOH 14 47  47  HOH HOH A . 
C 2 HOH 15 50  50  HOH HOH A . 
C 2 HOH 16 51  51  HOH HOH A . 
C 2 HOH 17 52  52  HOH HOH A . 
C 2 HOH 18 53  53  HOH HOH A . 
C 2 HOH 19 54  54  HOH HOH A . 
C 2 HOH 20 56  56  HOH HOH A . 
C 2 HOH 21 57  57  HOH HOH A . 
C 2 HOH 22 58  58  HOH HOH A . 
C 2 HOH 23 59  59  HOH HOH A . 
C 2 HOH 24 74  74  HOH HOH A . 
C 2 HOH 25 75  75  HOH HOH A . 
C 2 HOH 26 81  81  HOH HOH A . 
C 2 HOH 27 82  82  HOH HOH A . 
C 2 HOH 28 83  83  HOH HOH A . 
C 2 HOH 29 84  84  HOH HOH A . 
C 2 HOH 30 85  85  HOH HOH A . 
C 2 HOH 31 86  86  HOH HOH A . 
C 2 HOH 32 87  87  HOH HOH A . 
C 2 HOH 33 88  88  HOH HOH A . 
C 2 HOH 34 90  90  HOH HOH A . 
C 2 HOH 35 91  91  HOH HOH A . 
C 2 HOH 36 92  92  HOH HOH A . 
C 2 HOH 37 96  96  HOH HOH A . 
C 2 HOH 38 99  99  HOH HOH A . 
C 2 HOH 39 102 102 HOH HOH A . 
C 2 HOH 40 105 105 HOH HOH A . 
C 2 HOH 41 106 106 HOH HOH A . 
C 2 HOH 42 107 107 HOH HOH A . 
C 2 HOH 43 109 109 HOH HOH A . 
C 2 HOH 44 110 110 HOH HOH A . 
C 2 HOH 45 112 112 HOH HOH A . 
C 2 HOH 46 113 113 HOH HOH A . 
C 2 HOH 47 114 114 HOH HOH A . 
C 2 HOH 48 115 115 HOH HOH A . 
C 2 HOH 49 116 116 HOH HOH A . 
C 2 HOH 50 117 117 HOH HOH A . 
C 2 HOH 51 118 118 HOH HOH A . 
C 2 HOH 52 119 119 HOH HOH A . 
C 2 HOH 53 120 120 HOH HOH A . 
C 2 HOH 54 121 121 HOH HOH A . 
C 2 HOH 55 122 122 HOH HOH A . 
C 2 HOH 56 123 123 HOH HOH A . 
C 2 HOH 57 124 124 HOH HOH A . 
C 2 HOH 58 125 125 HOH HOH A . 
C 2 HOH 59 126 126 HOH HOH A . 
D 2 HOH 1  21  21  HOH HOH B . 
D 2 HOH 2  22  22  HOH HOH B . 
D 2 HOH 3  23  23  HOH HOH B . 
D 2 HOH 4  28  28  HOH HOH B . 
D 2 HOH 5  29  29  HOH HOH B . 
D 2 HOH 6  35  35  HOH HOH B . 
D 2 HOH 7  36  36  HOH HOH B . 
D 2 HOH 8  38  38  HOH HOH B . 
D 2 HOH 9  39  39  HOH HOH B . 
D 2 HOH 10 40  40  HOH HOH B . 
D 2 HOH 11 41  41  HOH HOH B . 
D 2 HOH 12 43  43  HOH HOH B . 
D 2 HOH 13 44  44  HOH HOH B . 
D 2 HOH 14 48  48  HOH HOH B . 
D 2 HOH 15 49  49  HOH HOH B . 
D 2 HOH 16 55  55  HOH HOH B . 
D 2 HOH 17 60  60  HOH HOH B . 
D 2 HOH 18 61  61  HOH HOH B . 
D 2 HOH 19 62  62  HOH HOH B . 
D 2 HOH 20 63  63  HOH HOH B . 
D 2 HOH 21 64  64  HOH HOH B . 
D 2 HOH 22 65  65  HOH HOH B . 
D 2 HOH 23 66  66  HOH HOH B . 
D 2 HOH 24 67  67  HOH HOH B . 
D 2 HOH 25 68  68  HOH HOH B . 
D 2 HOH 26 69  69  HOH HOH B . 
D 2 HOH 27 70  70  HOH HOH B . 
D 2 HOH 28 71  71  HOH HOH B . 
D 2 HOH 29 72  72  HOH HOH B . 
D 2 HOH 30 73  73  HOH HOH B . 
D 2 HOH 31 76  76  HOH HOH B . 
D 2 HOH 32 77  77  HOH HOH B . 
D 2 HOH 33 78  78  HOH HOH B . 
D 2 HOH 34 79  79  HOH HOH B . 
D 2 HOH 35 80  80  HOH HOH B . 
D 2 HOH 36 89  89  HOH HOH B . 
D 2 HOH 37 93  93  HOH HOH B . 
D 2 HOH 38 94  94  HOH HOH B . 
D 2 HOH 39 95  95  HOH HOH B . 
D 2 HOH 40 97  97  HOH HOH B . 
D 2 HOH 41 98  98  HOH HOH B . 
D 2 HOH 42 100 100 HOH HOH B . 
D 2 HOH 43 101 101 HOH HOH B . 
D 2 HOH 44 103 103 HOH HOH B . 
D 2 HOH 45 104 104 HOH HOH B . 
D 2 HOH 46 108 108 HOH HOH B . 
D 2 HOH 47 111 111 HOH HOH B . 
# 
loop_
_software.name 
_software.classification 
_software.version 
_software.citation_id 
_software.pdbx_ordinal 
X-PLOR refinement       .        ? 1 
XENGEN 'data reduction' 'V. 2.0' ? 2 
# 
_cell.entry_id           318D 
_cell.length_a           55.680 
_cell.length_b           55.680 
_cell.length_c           46.240 
_cell.angle_alpha        90.00 
_cell.angle_beta         90.00 
_cell.angle_gamma        120.00 
_cell.Z_PDB              12 
_cell.pdbx_unique_axis   ? 
# 
_symmetry.entry_id                         318D 
_symmetry.space_group_name_H-M             'P 61' 
_symmetry.pdbx_full_space_group_name_H-M   ? 
_symmetry.cell_setting                     ? 
_symmetry.Int_Tables_number                169 
# 
_exptl.entry_id          318D 
_exptl.method            'X-RAY DIFFRACTION' 
_exptl.crystals_number   ? 
# 
_exptl_crystal.id                    1 
_exptl_crystal.density_meas          ? 
_exptl_crystal.density_Matthews      3.31 
_exptl_crystal.density_percent_sol   62.84 
_exptl_crystal.description           ? 
# 
_exptl_crystal_grow.crystal_id      1 
_exptl_crystal_grow.method          'VAPOR DIFFUSION, HANGING DROP' 
_exptl_crystal_grow.temp            295.00 
_exptl_crystal_grow.temp_details    ? 
_exptl_crystal_grow.pH              7.00 
_exptl_crystal_grow.pdbx_details    'pH 7.00, VAPOR DIFFUSION, HANGING DROP, temperature 295.00K' 
_exptl_crystal_grow.pdbx_pH_range   ? 
# 
loop_
_exptl_crystal_grow_comp.crystal_id 
_exptl_crystal_grow_comp.id 
_exptl_crystal_grow_comp.sol_id 
_exptl_crystal_grow_comp.name 
_exptl_crystal_grow_comp.volume 
_exptl_crystal_grow_comp.conc 
_exptl_crystal_grow_comp.details 
1 1 1 WATER           ? ? ? 
1 2 1 'NA CACODYLATE' ? ? ? 
1 3 1 MGCL2           ? ? ? 
1 4 1 SPERMINE_HCL    ? ? ? 
1 5 2 WATER           ? ? ? 
1 6 2 MPD             ? ? ? 
# 
_diffrn.id                     1 
_diffrn.ambient_temp           295.00 
_diffrn.ambient_temp_details   ? 
_diffrn.crystal_id             1 
# 
_diffrn_detector.diffrn_id              1 
_diffrn_detector.detector               'AREA DETECTOR' 
_diffrn_detector.type                   SIEMENS-NICOLET 
_diffrn_detector.pdbx_collection_date   1995-04-01 
_diffrn_detector.details                ? 
# 
_diffrn_radiation.diffrn_id                        1 
_diffrn_radiation.wavelength_id                    1 
_diffrn_radiation.pdbx_monochromatic_or_laue_m_l   M 
_diffrn_radiation.monochromator                    ? 
_diffrn_radiation.pdbx_diffrn_protocol             ? 
_diffrn_radiation.pdbx_scattering_type             x-ray 
# 
_diffrn_radiation_wavelength.id           1 
_diffrn_radiation_wavelength.wavelength   . 
_diffrn_radiation_wavelength.wt           1.0 
# 
_diffrn_source.diffrn_id                   1 
_diffrn_source.source                      'ROTATING ANODE' 
_diffrn_source.type                        ? 
_diffrn_source.pdbx_synchrotron_site       ? 
_diffrn_source.pdbx_synchrotron_beamline   ? 
_diffrn_source.pdbx_wavelength             ? 
_diffrn_source.pdbx_wavelength_list        ? 
# 
_reflns.entry_id                     318D 
_reflns.observed_criterion_sigma_I   2.000 
_reflns.observed_criterion_sigma_F   ? 
_reflns.d_resolution_low             ? 
_reflns.d_resolution_high            2.000 
_reflns.number_obs                   3193 
_reflns.number_all                   ? 
_reflns.percent_possible_obs         58.000 
_reflns.pdbx_Rmerge_I_obs            0.038 
_reflns.pdbx_Rsym_value              ? 
_reflns.pdbx_netI_over_sigmaI        15.700 
_reflns.B_iso_Wilson_estimate        ? 
_reflns.pdbx_redundancy              ? 
_reflns.pdbx_diffrn_id               1 
_reflns.pdbx_ordinal                 1 
# 
_refine.entry_id                                 318D 
_refine.ls_number_reflns_obs                     3193 
_refine.ls_number_reflns_all                     ? 
_refine.pdbx_ls_sigma_I                          ? 
_refine.pdbx_ls_sigma_F                          1.000 
_refine.pdbx_data_cutoff_high_absF               ? 
_refine.pdbx_data_cutoff_low_absF                ? 
_refine.pdbx_data_cutoff_high_rms_absF           ? 
_refine.ls_d_res_low                             8.000 
_refine.ls_d_res_high                            2.000 
_refine.ls_percent_reflns_obs                    ? 
_refine.ls_R_factor_obs                          0.162 
_refine.ls_R_factor_all                          ? 
_refine.ls_R_factor_R_work                       0.162 
_refine.ls_R_factor_R_free                       0.18 
_refine.ls_R_factor_R_free_error                 ? 
_refine.ls_R_factor_R_free_error_details         ? 
_refine.ls_percent_reflns_R_free                 ? 
_refine.ls_number_reflns_R_free                  ? 
_refine.ls_number_parameters                     ? 
_refine.ls_number_restraints                     ? 
_refine.occupancy_min                            ? 
_refine.occupancy_max                            ? 
_refine.B_iso_mean                               ? 
_refine.aniso_B[1][1]                            ? 
_refine.aniso_B[2][2]                            ? 
_refine.aniso_B[3][3]                            ? 
_refine.aniso_B[1][2]                            ? 
_refine.aniso_B[1][3]                            ? 
_refine.aniso_B[2][3]                            ? 
_refine.solvent_model_details                    ? 
_refine.solvent_model_param_ksol                 ? 
_refine.solvent_model_param_bsol                 ? 
_refine.pdbx_ls_cross_valid_method               ? 
_refine.details                                  ? 
_refine.pdbx_starting_model                      ? 
_refine.pdbx_method_to_determine_struct          ? 
_refine.pdbx_isotropic_thermal_model             ? 
_refine.pdbx_stereochemistry_target_values       ? 
_refine.pdbx_stereochem_target_val_spec_case     ? 
_refine.pdbx_R_Free_selection_details            ? 
_refine.pdbx_overall_ESU_R                       ? 
_refine.pdbx_overall_ESU_R_Free                  ? 
_refine.overall_SU_ML                            ? 
_refine.overall_SU_B                             ? 
_refine.pdbx_refine_id                           'X-RAY DIFFRACTION' 
_refine.pdbx_diffrn_id                           1 
_refine.pdbx_TLS_residual_ADP_flag               ? 
_refine.correlation_coeff_Fo_to_Fc               ? 
_refine.correlation_coeff_Fo_to_Fc_free          ? 
_refine.pdbx_solvent_vdw_probe_radii             ? 
_refine.pdbx_solvent_ion_probe_radii             ? 
_refine.pdbx_solvent_shrinkage_radii             ? 
_refine.pdbx_overall_phase_error                 ? 
_refine.overall_SU_R_Cruickshank_DPI             ? 
_refine.pdbx_overall_SU_R_free_Cruickshank_DPI   ? 
_refine.pdbx_overall_SU_R_Blow_DPI               ? 
_refine.pdbx_overall_SU_R_free_Blow_DPI          ? 
# 
_refine_hist.pdbx_refine_id                   'X-RAY DIFFRACTION' 
_refine_hist.cycle_id                         LAST 
_refine_hist.pdbx_number_atoms_protein        0 
_refine_hist.pdbx_number_atoms_nucleic_acid   404 
_refine_hist.pdbx_number_atoms_ligand         2 
_refine_hist.number_atoms_solvent             106 
_refine_hist.number_atoms_total               512 
_refine_hist.d_res_high                       2.000 
_refine_hist.d_res_low                        8.000 
# 
loop_
_refine_ls_restr.type 
_refine_ls_restr.dev_ideal 
_refine_ls_restr.dev_ideal_target 
_refine_ls_restr.weight 
_refine_ls_restr.number 
_refine_ls_restr.pdbx_refine_id 
_refine_ls_restr.pdbx_restraint_function 
x_bond_d                0.020 ? ? ? 'X-RAY DIFFRACTION' ? 
x_bond_d_na             ?     ? ? ? 'X-RAY DIFFRACTION' ? 
x_bond_d_prot           ?     ? ? ? 'X-RAY DIFFRACTION' ? 
x_angle_d               ?     ? ? ? 'X-RAY DIFFRACTION' ? 
x_angle_d_na            ?     ? ? ? 'X-RAY DIFFRACTION' ? 
x_angle_d_prot          ?     ? ? ? 'X-RAY DIFFRACTION' ? 
x_angle_deg             1.85  ? ? ? 'X-RAY DIFFRACTION' ? 
x_angle_deg_na          ?     ? ? ? 'X-RAY DIFFRACTION' ? 
x_angle_deg_prot        ?     ? ? ? 'X-RAY DIFFRACTION' ? 
x_dihedral_angle_d      ?     ? ? ? 'X-RAY DIFFRACTION' ? 
x_dihedral_angle_d_na   ?     ? ? ? 'X-RAY DIFFRACTION' ? 
x_dihedral_angle_d_prot ?     ? ? ? 'X-RAY DIFFRACTION' ? 
x_improper_angle_d      ?     ? ? ? 'X-RAY DIFFRACTION' ? 
x_improper_angle_d_na   ?     ? ? ? 'X-RAY DIFFRACTION' ? 
x_improper_angle_d_prot ?     ? ? ? 'X-RAY DIFFRACTION' ? 
x_mcbond_it             ?     ? ? ? 'X-RAY DIFFRACTION' ? 
x_mcangle_it            ?     ? ? ? 'X-RAY DIFFRACTION' ? 
x_scbond_it             ?     ? ? ? 'X-RAY DIFFRACTION' ? 
x_scangle_it            ?     ? ? ? 'X-RAY DIFFRACTION' ? 
# 
_struct.entry_id                  318D 
_struct.title                     'CRYSTAL STRUCTURES OF D(CCGGGCC(BR)5CGG)-HEXAGONAL FORM' 
_struct.pdbx_model_details        ? 
_struct.pdbx_CASP_flag            ? 
_struct.pdbx_model_type_details   ? 
# 
_struct_keywords.entry_id        318D 
_struct_keywords.pdbx_keywords   DNA 
_struct_keywords.text            'A-DNA, DOUBLE HELIX, MODIFIED, DNA' 
# 
loop_
_struct_asym.id 
_struct_asym.pdbx_blank_PDB_chainid_flag 
_struct_asym.pdbx_modified 
_struct_asym.entity_id 
_struct_asym.details 
A N N 1 ? 
B N N 1 ? 
C N N 2 ? 
D N N 2 ? 
# 
_struct_ref.id                         1 
_struct_ref.entity_id                  1 
_struct_ref.db_name                    PDB 
_struct_ref.db_code                    318D 
_struct_ref.pdbx_db_accession          318D 
_struct_ref.pdbx_db_isoform            ? 
_struct_ref.pdbx_seq_one_letter_code   ? 
_struct_ref.pdbx_align_begin           ? 
# 
loop_
_struct_ref_seq.align_id 
_struct_ref_seq.ref_id 
_struct_ref_seq.pdbx_PDB_id_code 
_struct_ref_seq.pdbx_strand_id 
_struct_ref_seq.seq_align_beg 
_struct_ref_seq.pdbx_seq_align_beg_ins_code 
_struct_ref_seq.seq_align_end 
_struct_ref_seq.pdbx_seq_align_end_ins_code 
_struct_ref_seq.pdbx_db_accession 
_struct_ref_seq.db_align_beg 
_struct_ref_seq.pdbx_db_align_beg_ins_code 
_struct_ref_seq.db_align_end 
_struct_ref_seq.pdbx_db_align_end_ins_code 
_struct_ref_seq.pdbx_auth_seq_align_beg 
_struct_ref_seq.pdbx_auth_seq_align_end 
1 1 318D A 1 ? 10 ? 318D 1  ? 10 ? 1  10 
2 1 318D B 1 ? 10 ? 318D 11 ? 20 ? 11 20 
# 
_pdbx_struct_assembly.id                   1 
_pdbx_struct_assembly.details              author_defined_assembly 
_pdbx_struct_assembly.method_details       ? 
_pdbx_struct_assembly.oligomeric_details   dimeric 
_pdbx_struct_assembly.oligomeric_count     2 
# 
_pdbx_struct_assembly_gen.assembly_id       1 
_pdbx_struct_assembly_gen.oper_expression   1 
_pdbx_struct_assembly_gen.asym_id_list      A,B,C,D 
# 
_pdbx_struct_oper_list.id                   1 
_pdbx_struct_oper_list.type                 'identity operation' 
_pdbx_struct_oper_list.name                 1_555 
_pdbx_struct_oper_list.symmetry_operation   x,y,z 
_pdbx_struct_oper_list.matrix[1][1]         1.0000000000 
_pdbx_struct_oper_list.matrix[1][2]         0.0000000000 
_pdbx_struct_oper_list.matrix[1][3]         0.0000000000 
_pdbx_struct_oper_list.vector[1]            0.0000000000 
_pdbx_struct_oper_list.matrix[2][1]         0.0000000000 
_pdbx_struct_oper_list.matrix[2][2]         1.0000000000 
_pdbx_struct_oper_list.matrix[2][3]         0.0000000000 
_pdbx_struct_oper_list.vector[2]            0.0000000000 
_pdbx_struct_oper_list.matrix[3][1]         0.0000000000 
_pdbx_struct_oper_list.matrix[3][2]         0.0000000000 
_pdbx_struct_oper_list.matrix[3][3]         1.0000000000 
_pdbx_struct_oper_list.vector[3]            0.0000000000 
# 
_struct_biol.id   1 
# 
loop_
_struct_conn.id 
_struct_conn.conn_type_id 
_struct_conn.pdbx_leaving_atom_flag 
_struct_conn.pdbx_PDB_id 
_struct_conn.ptnr1_label_asym_id 
_struct_conn.ptnr1_label_comp_id 
_struct_conn.ptnr1_label_seq_id 
_struct_conn.ptnr1_label_atom_id 
_struct_conn.pdbx_ptnr1_label_alt_id 
_struct_conn.pdbx_ptnr1_PDB_ins_code 
_struct_conn.pdbx_ptnr1_standard_comp_id 
_struct_conn.ptnr1_symmetry 
_struct_conn.ptnr2_label_asym_id 
_struct_conn.ptnr2_label_comp_id 
_struct_conn.ptnr2_label_seq_id 
_struct_conn.ptnr2_label_atom_id 
_struct_conn.pdbx_ptnr2_label_alt_id 
_struct_conn.pdbx_ptnr2_PDB_ins_code 
_struct_conn.ptnr1_auth_asym_id 
_struct_conn.ptnr1_auth_comp_id 
_struct_conn.ptnr1_auth_seq_id 
_struct_conn.ptnr2_auth_asym_id 
_struct_conn.ptnr2_auth_comp_id 
_struct_conn.ptnr2_auth_seq_id 
_struct_conn.ptnr2_symmetry 
_struct_conn.pdbx_ptnr3_label_atom_id 
_struct_conn.pdbx_ptnr3_label_seq_id 
_struct_conn.pdbx_ptnr3_label_comp_id 
_struct_conn.pdbx_ptnr3_label_asym_id 
_struct_conn.pdbx_ptnr3_label_alt_id 
_struct_conn.pdbx_ptnr3_PDB_ins_code 
_struct_conn.details 
_struct_conn.pdbx_dist_value 
_struct_conn.pdbx_value_order 
_struct_conn.pdbx_role 
covale1  covale both ? A DC  7  "O3'" ? ? ? 1_555 A CBR 8  P  ? ? A DC  7  A CBR 8  1_555 ? ? ? ? ? ? ?            1.585 ? ? 
covale2  covale both ? A CBR 8  "O3'" ? ? ? 1_555 A DG  9  P  ? ? A CBR 8  A DG  9  1_555 ? ? ? ? ? ? ?            1.607 ? ? 
covale3  covale both ? B DC  7  "O3'" ? ? ? 1_555 B CBR 8  P  ? ? B DC  17 B CBR 18 1_555 ? ? ? ? ? ? ?            1.575 ? ? 
covale4  covale both ? B CBR 8  "O3'" ? ? ? 1_555 B DG  9  P  ? ? B CBR 18 B DG  19 1_555 ? ? ? ? ? ? ?            1.622 ? ? 
hydrog1  hydrog ?    ? A DC  1  N3    ? ? ? 1_555 B DG  10 N1 ? ? A DC  1  B DG  20 1_555 ? ? ? ? ? ? WATSON-CRICK ?     ? ? 
hydrog2  hydrog ?    ? A DC  1  N4    ? ? ? 1_555 B DG  10 O6 ? ? A DC  1  B DG  20 1_555 ? ? ? ? ? ? WATSON-CRICK ?     ? ? 
hydrog3  hydrog ?    ? A DC  1  O2    ? ? ? 1_555 B DG  10 N2 ? ? A DC  1  B DG  20 1_555 ? ? ? ? ? ? WATSON-CRICK ?     ? ? 
hydrog4  hydrog ?    ? A DC  2  N3    ? ? ? 1_555 B DG  9  N1 ? ? A DC  2  B DG  19 1_555 ? ? ? ? ? ? WATSON-CRICK ?     ? ? 
hydrog5  hydrog ?    ? A DC  2  N4    ? ? ? 1_555 B DG  9  O6 ? ? A DC  2  B DG  19 1_555 ? ? ? ? ? ? WATSON-CRICK ?     ? ? 
hydrog6  hydrog ?    ? A DC  2  O2    ? ? ? 1_555 B DG  9  N2 ? ? A DC  2  B DG  19 1_555 ? ? ? ? ? ? WATSON-CRICK ?     ? ? 
hydrog7  hydrog ?    ? A DG  3  N1    ? ? ? 1_555 B CBR 8  N3 ? ? A DG  3  B CBR 18 1_555 ? ? ? ? ? ? WATSON-CRICK ?     ? ? 
hydrog8  hydrog ?    ? A DG  3  N2    ? ? ? 1_555 B CBR 8  O2 ? ? A DG  3  B CBR 18 1_555 ? ? ? ? ? ? WATSON-CRICK ?     ? ? 
hydrog9  hydrog ?    ? A DG  3  O6    ? ? ? 1_555 B CBR 8  N4 ? ? A DG  3  B CBR 18 1_555 ? ? ? ? ? ? WATSON-CRICK ?     ? ? 
hydrog10 hydrog ?    ? A DG  4  N1    ? ? ? 1_555 B DC  7  N3 ? ? A DG  4  B DC  17 1_555 ? ? ? ? ? ? WATSON-CRICK ?     ? ? 
hydrog11 hydrog ?    ? A DG  4  N2    ? ? ? 1_555 B DC  7  O2 ? ? A DG  4  B DC  17 1_555 ? ? ? ? ? ? WATSON-CRICK ?     ? ? 
hydrog12 hydrog ?    ? A DG  4  O6    ? ? ? 1_555 B DC  7  N4 ? ? A DG  4  B DC  17 1_555 ? ? ? ? ? ? WATSON-CRICK ?     ? ? 
hydrog13 hydrog ?    ? A DG  5  N1    ? ? ? 1_555 B DC  6  N3 ? ? A DG  5  B DC  16 1_555 ? ? ? ? ? ? WATSON-CRICK ?     ? ? 
hydrog14 hydrog ?    ? A DG  5  N2    ? ? ? 1_555 B DC  6  O2 ? ? A DG  5  B DC  16 1_555 ? ? ? ? ? ? WATSON-CRICK ?     ? ? 
hydrog15 hydrog ?    ? A DG  5  O6    ? ? ? 1_555 B DC  6  N4 ? ? A DG  5  B DC  16 1_555 ? ? ? ? ? ? WATSON-CRICK ?     ? ? 
hydrog16 hydrog ?    ? A DC  6  N3    ? ? ? 1_555 B DG  5  N1 ? ? A DC  6  B DG  15 1_555 ? ? ? ? ? ? WATSON-CRICK ?     ? ? 
hydrog17 hydrog ?    ? A DC  6  N4    ? ? ? 1_555 B DG  5  O6 ? ? A DC  6  B DG  15 1_555 ? ? ? ? ? ? WATSON-CRICK ?     ? ? 
hydrog18 hydrog ?    ? A DC  6  O2    ? ? ? 1_555 B DG  5  N2 ? ? A DC  6  B DG  15 1_555 ? ? ? ? ? ? WATSON-CRICK ?     ? ? 
hydrog19 hydrog ?    ? A DC  7  N3    ? ? ? 1_555 B DG  4  N1 ? ? A DC  7  B DG  14 1_555 ? ? ? ? ? ? WATSON-CRICK ?     ? ? 
hydrog20 hydrog ?    ? A DC  7  N4    ? ? ? 1_555 B DG  4  O6 ? ? A DC  7  B DG  14 1_555 ? ? ? ? ? ? WATSON-CRICK ?     ? ? 
hydrog21 hydrog ?    ? A DC  7  O2    ? ? ? 1_555 B DG  4  N2 ? ? A DC  7  B DG  14 1_555 ? ? ? ? ? ? WATSON-CRICK ?     ? ? 
hydrog22 hydrog ?    ? A CBR 8  N3    ? ? ? 1_555 B DG  3  N1 ? ? A CBR 8  B DG  13 1_555 ? ? ? ? ? ? WATSON-CRICK ?     ? ? 
hydrog23 hydrog ?    ? A CBR 8  N4    ? ? ? 1_555 B DG  3  O6 ? ? A CBR 8  B DG  13 1_555 ? ? ? ? ? ? WATSON-CRICK ?     ? ? 
hydrog24 hydrog ?    ? A CBR 8  O2    ? ? ? 1_555 B DG  3  N2 ? ? A CBR 8  B DG  13 1_555 ? ? ? ? ? ? WATSON-CRICK ?     ? ? 
hydrog25 hydrog ?    ? A DG  9  N1    ? ? ? 1_555 B DC  2  N3 ? ? A DG  9  B DC  12 1_555 ? ? ? ? ? ? WATSON-CRICK ?     ? ? 
hydrog26 hydrog ?    ? A DG  9  N2    ? ? ? 1_555 B DC  2  O2 ? ? A DG  9  B DC  12 1_555 ? ? ? ? ? ? WATSON-CRICK ?     ? ? 
hydrog27 hydrog ?    ? A DG  9  O6    ? ? ? 1_555 B DC  2  N4 ? ? A DG  9  B DC  12 1_555 ? ? ? ? ? ? WATSON-CRICK ?     ? ? 
hydrog28 hydrog ?    ? A DG  10 N1    ? ? ? 1_555 B DC  1  N3 ? ? A DG  10 B DC  11 1_555 ? ? ? ? ? ? WATSON-CRICK ?     ? ? 
hydrog29 hydrog ?    ? A DG  10 N2    ? ? ? 1_555 B DC  1  O2 ? ? A DG  10 B DC  11 1_555 ? ? ? ? ? ? WATSON-CRICK ?     ? ? 
hydrog30 hydrog ?    ? A DG  10 O6    ? ? ? 1_555 B DC  1  N4 ? ? A DG  10 B DC  11 1_555 ? ? ? ? ? ? WATSON-CRICK ?     ? ? 
# 
loop_
_struct_conn_type.id 
_struct_conn_type.criteria 
_struct_conn_type.reference 
covale ? ? 
hydrog ? ? 
# 
_pdbx_validate_rmsd_bond.id                        1 
_pdbx_validate_rmsd_bond.PDB_model_num             1 
_pdbx_validate_rmsd_bond.auth_atom_id_1            "C3'" 
_pdbx_validate_rmsd_bond.auth_asym_id_1            A 
_pdbx_validate_rmsd_bond.auth_comp_id_1            DC 
_pdbx_validate_rmsd_bond.auth_seq_id_1             2 
_pdbx_validate_rmsd_bond.PDB_ins_code_1            ? 
_pdbx_validate_rmsd_bond.label_alt_id_1            ? 
_pdbx_validate_rmsd_bond.auth_atom_id_2            "C2'" 
_pdbx_validate_rmsd_bond.auth_asym_id_2            A 
_pdbx_validate_rmsd_bond.auth_comp_id_2            DC 
_pdbx_validate_rmsd_bond.auth_seq_id_2             2 
_pdbx_validate_rmsd_bond.PDB_ins_code_2            ? 
_pdbx_validate_rmsd_bond.label_alt_id_2            ? 
_pdbx_validate_rmsd_bond.bond_value                1.461 
_pdbx_validate_rmsd_bond.bond_target_value         1.516 
_pdbx_validate_rmsd_bond.bond_deviation            -0.055 
_pdbx_validate_rmsd_bond.bond_standard_deviation   0.008 
_pdbx_validate_rmsd_bond.linker_flag               N 
# 
loop_
_pdbx_validate_rmsd_angle.id 
_pdbx_validate_rmsd_angle.PDB_model_num 
_pdbx_validate_rmsd_angle.auth_atom_id_1 
_pdbx_validate_rmsd_angle.auth_asym_id_1 
_pdbx_validate_rmsd_angle.auth_comp_id_1 
_pdbx_validate_rmsd_angle.auth_seq_id_1 
_pdbx_validate_rmsd_angle.PDB_ins_code_1 
_pdbx_validate_rmsd_angle.label_alt_id_1 
_pdbx_validate_rmsd_angle.auth_atom_id_2 
_pdbx_validate_rmsd_angle.auth_asym_id_2 
_pdbx_validate_rmsd_angle.auth_comp_id_2 
_pdbx_validate_rmsd_angle.auth_seq_id_2 
_pdbx_validate_rmsd_angle.PDB_ins_code_2 
_pdbx_validate_rmsd_angle.label_alt_id_2 
_pdbx_validate_rmsd_angle.auth_atom_id_3 
_pdbx_validate_rmsd_angle.auth_asym_id_3 
_pdbx_validate_rmsd_angle.auth_comp_id_3 
_pdbx_validate_rmsd_angle.auth_seq_id_3 
_pdbx_validate_rmsd_angle.PDB_ins_code_3 
_pdbx_validate_rmsd_angle.label_alt_id_3 
_pdbx_validate_rmsd_angle.angle_value 
_pdbx_validate_rmsd_angle.angle_target_value 
_pdbx_validate_rmsd_angle.angle_deviation 
_pdbx_validate_rmsd_angle.angle_standard_deviation 
_pdbx_validate_rmsd_angle.linker_flag 
1  1 "C4'" A DC 1  ? ? "C3'" A DC 1  ? ? "C2'" A DC 1  ? ? 97.72  102.20 -4.48 0.70 N 
2  1 "O4'" A DC 1  ? ? "C1'" A DC 1  ? ? N1    A DC 1  ? ? 113.91 108.30 5.61  0.30 N 
3  1 N1    A DC 1  ? ? C2    A DC 1  ? ? O2    A DC 1  ? ? 123.90 118.90 5.00  0.60 N 
4  1 N3    A DC 1  ? ? C2    A DC 1  ? ? O2    A DC 1  ? ? 116.85 121.90 -5.05 0.70 N 
5  1 "O4'" A DC 2  ? ? "C1'" A DC 2  ? ? N1    A DC 2  ? ? 112.67 108.30 4.37  0.30 N 
6  1 N1    A DC 2  ? ? C2    A DC 2  ? ? O2    A DC 2  ? ? 122.63 118.90 3.73  0.60 N 
7  1 "O4'" A DG 3  ? ? "C4'" A DG 3  ? ? "C3'" A DG 3  ? ? 99.24  104.50 -5.26 0.40 N 
8  1 "C4'" A DG 3  ? ? "C3'" A DG 3  ? ? "C2'" A DG 3  ? ? 97.58  102.20 -4.62 0.70 N 
9  1 "O4'" A DG 3  ? ? "C1'" A DG 3  ? ? N9    A DG 3  ? ? 116.19 108.30 7.89  0.30 N 
10 1 "C3'" A DG 3  ? ? "O3'" A DG 3  ? ? P     A DG 4  ? ? 136.05 119.70 16.35 1.20 Y 
11 1 "C4'" A DG 4  ? ? "C3'" A DG 4  ? ? "C2'" A DG 4  ? ? 96.09  102.20 -6.11 0.70 N 
12 1 "C4'" A DG 5  ? ? "C3'" A DG 5  ? ? "C2'" A DG 5  ? ? 97.36  102.20 -4.84 0.70 N 
13 1 C8    A DG 5  ? ? N9    A DG 5  ? ? C4    A DG 5  ? ? 103.23 106.40 -3.17 0.40 N 
14 1 N9    A DG 5  ? ? C4    A DG 5  ? ? C5    A DG 5  ? ? 108.03 105.40 2.63  0.40 N 
15 1 "C4'" A DC 6  ? ? "C3'" A DC 6  ? ? "C2'" A DC 6  ? ? 96.99  102.20 -5.21 0.70 N 
16 1 "O4'" A DC 6  ? ? "C1'" A DC 6  ? ? N1    A DC 6  ? ? 110.20 108.30 1.90  0.30 N 
17 1 N1    A DC 6  ? ? C2    A DC 6  ? ? O2    A DC 6  ? ? 122.72 118.90 3.82  0.60 N 
18 1 "O4'" A DC 7  ? ? "C1'" A DC 7  ? ? N1    A DC 7  ? ? 112.97 108.30 4.67  0.30 N 
19 1 "C4'" A DG 9  ? ? "C3'" A DG 9  ? ? "C2'" A DG 9  ? ? 95.83  102.20 -6.37 0.70 N 
20 1 "O4'" A DG 9  ? ? "C1'" A DG 9  ? ? N9    A DG 9  ? ? 113.59 108.30 5.29  0.30 N 
21 1 "O4'" A DG 10 ? ? "C1'" A DG 10 ? ? N9    A DG 10 ? ? 112.24 108.30 3.94  0.30 N 
22 1 "O4'" B DC 11 ? ? "C1'" B DC 11 ? ? N1    B DC 11 ? ? 113.29 108.30 4.99  0.30 N 
23 1 "C4'" B DC 12 ? ? "C3'" B DC 12 ? ? "C2'" B DC 12 ? ? 97.48  102.20 -4.72 0.70 N 
24 1 "O4'" B DC 12 ? ? "C1'" B DC 12 ? ? N1    B DC 12 ? ? 113.30 108.30 5.00  0.30 N 
25 1 N1    B DC 12 ? ? C2    B DC 12 ? ? O2    B DC 12 ? ? 122.58 118.90 3.68  0.60 N 
26 1 "O4'" B DG 13 ? ? "C1'" B DG 13 ? ? N9    B DG 13 ? ? 111.08 108.30 2.78  0.30 N 
27 1 "O4'" B DG 14 ? ? "C1'" B DG 14 ? ? N9    B DG 14 ? ? 113.02 108.30 4.72  0.30 N 
28 1 "O4'" B DG 15 ? ? "C1'" B DG 15 ? ? N9    B DG 15 ? ? 110.52 108.30 2.22  0.30 N 
29 1 "O4'" B DC 16 ? ? "C1'" B DC 16 ? ? N1    B DC 16 ? ? 110.54 108.30 2.24  0.30 N 
30 1 "O4'" B DC 17 ? ? "C1'" B DC 17 ? ? N1    B DC 17 ? ? 111.49 108.30 3.19  0.30 N 
31 1 C2    B DC 17 ? ? N3    B DC 17 ? ? C4    B DC 17 ? ? 123.38 119.90 3.48  0.50 N 
32 1 "O4'" B DG 19 ? ? "C4'" B DG 19 ? ? "C3'" B DG 19 ? ? 101.76 104.50 -2.74 0.40 N 
33 1 "C4'" B DG 19 ? ? "C3'" B DG 19 ? ? "C2'" B DG 19 ? ? 97.14  102.20 -5.06 0.70 N 
34 1 "O4'" B DG 19 ? ? "C1'" B DG 19 ? ? N9    B DG 19 ? ? 111.43 108.30 3.13  0.30 N 
35 1 "O4'" B DG 20 ? ? "C1'" B DG 20 ? ? N9    B DG 20 ? ? 113.14 108.30 4.84  0.30 N 
# 
_pdbx_validate_planes.id              1 
_pdbx_validate_planes.PDB_model_num   1 
_pdbx_validate_planes.auth_comp_id    DG 
_pdbx_validate_planes.auth_asym_id    A 
_pdbx_validate_planes.auth_seq_id     9 
_pdbx_validate_planes.PDB_ins_code    ? 
_pdbx_validate_planes.label_alt_id    ? 
_pdbx_validate_planes.rmsd            0.065 
_pdbx_validate_planes.type            'SIDE CHAIN' 
# 
loop_
_pdbx_struct_mod_residue.id 
_pdbx_struct_mod_residue.label_asym_id 
_pdbx_struct_mod_residue.label_comp_id 
_pdbx_struct_mod_residue.label_seq_id 
_pdbx_struct_mod_residue.auth_asym_id 
_pdbx_struct_mod_residue.auth_comp_id 
_pdbx_struct_mod_residue.auth_seq_id 
_pdbx_struct_mod_residue.PDB_ins_code 
_pdbx_struct_mod_residue.parent_comp_id 
_pdbx_struct_mod_residue.details 
1 A CBR 8 A CBR 8  ? DC ? 
2 B CBR 8 B CBR 18 ? DC ? 
# 
loop_
_refine_B_iso.class 
_refine_B_iso.details 
_refine_B_iso.treatment 
_refine_B_iso.pdbx_refine_id 
'ALL ATOMS'  TR isotropic 'X-RAY DIFFRACTION' 
'ALL WATERS' TR isotropic 'X-RAY DIFFRACTION' 
# 
loop_
_refine_occupancy.class 
_refine_occupancy.treatment 
_refine_occupancy.pdbx_refine_id 
'ALL ATOMS'  fix 'X-RAY DIFFRACTION' 
'ALL WATERS' fix 'X-RAY DIFFRACTION' 
# 
loop_
_chem_comp_atom.comp_id 
_chem_comp_atom.atom_id 
_chem_comp_atom.type_symbol 
_chem_comp_atom.pdbx_aromatic_flag 
_chem_comp_atom.pdbx_stereo_config 
_chem_comp_atom.pdbx_ordinal 
CBR BR     BR N N 1   
CBR P      P  N N 2   
CBR OP1    O  N N 3   
CBR OP2    O  N N 4   
CBR "O5'"  O  N N 5   
CBR N1     N  N N 6   
CBR C6     C  N N 7   
CBR C2     C  N N 8   
CBR O2     O  N N 9   
CBR N3     N  N N 10  
CBR C4     C  N N 11  
CBR N4     N  N N 12  
CBR C5     C  N N 13  
CBR "C2'"  C  N N 14  
CBR "C5'"  C  N N 15  
CBR "C4'"  C  N R 16  
CBR "O4'"  O  N N 17  
CBR "C1'"  C  N R 18  
CBR "C3'"  C  N S 19  
CBR "O3'"  O  N N 20  
CBR OP3    O  N N 21  
CBR HOP2   H  N N 22  
CBR H6     H  N N 23  
CBR H41    H  N N 24  
CBR H42    H  N N 25  
CBR "H2'"  H  N N 26  
CBR "H2''" H  N N 27  
CBR "H5'"  H  N N 28  
CBR "H5''" H  N N 29  
CBR "H4'"  H  N N 30  
CBR "H1'"  H  N N 31  
CBR "H3'"  H  N N 32  
CBR "HO3'" H  N N 33  
CBR HOP3   H  N N 34  
DC  OP3    O  N N 35  
DC  P      P  N N 36  
DC  OP1    O  N N 37  
DC  OP2    O  N N 38  
DC  "O5'"  O  N N 39  
DC  "C5'"  C  N N 40  
DC  "C4'"  C  N R 41  
DC  "O4'"  O  N N 42  
DC  "C3'"  C  N S 43  
DC  "O3'"  O  N N 44  
DC  "C2'"  C  N N 45  
DC  "C1'"  C  N R 46  
DC  N1     N  N N 47  
DC  C2     C  N N 48  
DC  O2     O  N N 49  
DC  N3     N  N N 50  
DC  C4     C  N N 51  
DC  N4     N  N N 52  
DC  C5     C  N N 53  
DC  C6     C  N N 54  
DC  HOP3   H  N N 55  
DC  HOP2   H  N N 56  
DC  "H5'"  H  N N 57  
DC  "H5''" H  N N 58  
DC  "H4'"  H  N N 59  
DC  "H3'"  H  N N 60  
DC  "HO3'" H  N N 61  
DC  "H2'"  H  N N 62  
DC  "H2''" H  N N 63  
DC  "H1'"  H  N N 64  
DC  H41    H  N N 65  
DC  H42    H  N N 66  
DC  H5     H  N N 67  
DC  H6     H  N N 68  
DG  OP3    O  N N 69  
DG  P      P  N N 70  
DG  OP1    O  N N 71  
DG  OP2    O  N N 72  
DG  "O5'"  O  N N 73  
DG  "C5'"  C  N N 74  
DG  "C4'"  C  N R 75  
DG  "O4'"  O  N N 76  
DG  "C3'"  C  N S 77  
DG  "O3'"  O  N N 78  
DG  "C2'"  C  N N 79  
DG  "C1'"  C  N R 80  
DG  N9     N  Y N 81  
DG  C8     C  Y N 82  
DG  N7     N  Y N 83  
DG  C5     C  Y N 84  
DG  C6     C  N N 85  
DG  O6     O  N N 86  
DG  N1     N  N N 87  
DG  C2     C  N N 88  
DG  N2     N  N N 89  
DG  N3     N  N N 90  
DG  C4     C  Y N 91  
DG  HOP3   H  N N 92  
DG  HOP2   H  N N 93  
DG  "H5'"  H  N N 94  
DG  "H5''" H  N N 95  
DG  "H4'"  H  N N 96  
DG  "H3'"  H  N N 97  
DG  "HO3'" H  N N 98  
DG  "H2'"  H  N N 99  
DG  "H2''" H  N N 100 
DG  "H1'"  H  N N 101 
DG  H8     H  N N 102 
DG  H1     H  N N 103 
DG  H21    H  N N 104 
DG  H22    H  N N 105 
HOH O      O  N N 106 
HOH H1     H  N N 107 
HOH H2     H  N N 108 
# 
loop_
_chem_comp_bond.comp_id 
_chem_comp_bond.atom_id_1 
_chem_comp_bond.atom_id_2 
_chem_comp_bond.value_order 
_chem_comp_bond.pdbx_aromatic_flag 
_chem_comp_bond.pdbx_stereo_config 
_chem_comp_bond.pdbx_ordinal 
CBR BR    C5     sing N N 1   
CBR P     OP1    doub N N 2   
CBR P     OP2    sing N N 3   
CBR P     "O5'"  sing N N 4   
CBR P     OP3    sing N N 5   
CBR OP2   HOP2   sing N N 6   
CBR "O5'" "C5'"  sing N N 7   
CBR N1    C6     sing N N 8   
CBR N1    C2     sing N N 9   
CBR N1    "C1'"  sing N N 10  
CBR C6    C5     doub N N 11  
CBR C6    H6     sing N N 12  
CBR C2    O2     doub N N 13  
CBR C2    N3     sing N N 14  
CBR N3    C4     doub N N 15  
CBR C4    N4     sing N N 16  
CBR C4    C5     sing N N 17  
CBR N4    H41    sing N N 18  
CBR N4    H42    sing N N 19  
CBR "C2'" "C1'"  sing N N 20  
CBR "C2'" "C3'"  sing N N 21  
CBR "C2'" "H2'"  sing N N 22  
CBR "C2'" "H2''" sing N N 23  
CBR "C5'" "C4'"  sing N N 24  
CBR "C5'" "H5'"  sing N N 25  
CBR "C5'" "H5''" sing N N 26  
CBR "C4'" "O4'"  sing N N 27  
CBR "C4'" "C3'"  sing N N 28  
CBR "C4'" "H4'"  sing N N 29  
CBR "O4'" "C1'"  sing N N 30  
CBR "C1'" "H1'"  sing N N 31  
CBR "C3'" "O3'"  sing N N 32  
CBR "C3'" "H3'"  sing N N 33  
CBR "O3'" "HO3'" sing N N 34  
CBR OP3   HOP3   sing N N 35  
DC  OP3   P      sing N N 36  
DC  OP3   HOP3   sing N N 37  
DC  P     OP1    doub N N 38  
DC  P     OP2    sing N N 39  
DC  P     "O5'"  sing N N 40  
DC  OP2   HOP2   sing N N 41  
DC  "O5'" "C5'"  sing N N 42  
DC  "C5'" "C4'"  sing N N 43  
DC  "C5'" "H5'"  sing N N 44  
DC  "C5'" "H5''" sing N N 45  
DC  "C4'" "O4'"  sing N N 46  
DC  "C4'" "C3'"  sing N N 47  
DC  "C4'" "H4'"  sing N N 48  
DC  "O4'" "C1'"  sing N N 49  
DC  "C3'" "O3'"  sing N N 50  
DC  "C3'" "C2'"  sing N N 51  
DC  "C3'" "H3'"  sing N N 52  
DC  "O3'" "HO3'" sing N N 53  
DC  "C2'" "C1'"  sing N N 54  
DC  "C2'" "H2'"  sing N N 55  
DC  "C2'" "H2''" sing N N 56  
DC  "C1'" N1     sing N N 57  
DC  "C1'" "H1'"  sing N N 58  
DC  N1    C2     sing N N 59  
DC  N1    C6     sing N N 60  
DC  C2    O2     doub N N 61  
DC  C2    N3     sing N N 62  
DC  N3    C4     doub N N 63  
DC  C4    N4     sing N N 64  
DC  C4    C5     sing N N 65  
DC  N4    H41    sing N N 66  
DC  N4    H42    sing N N 67  
DC  C5    C6     doub N N 68  
DC  C5    H5     sing N N 69  
DC  C6    H6     sing N N 70  
DG  OP3   P      sing N N 71  
DG  OP3   HOP3   sing N N 72  
DG  P     OP1    doub N N 73  
DG  P     OP2    sing N N 74  
DG  P     "O5'"  sing N N 75  
DG  OP2   HOP2   sing N N 76  
DG  "O5'" "C5'"  sing N N 77  
DG  "C5'" "C4'"  sing N N 78  
DG  "C5'" "H5'"  sing N N 79  
DG  "C5'" "H5''" sing N N 80  
DG  "C4'" "O4'"  sing N N 81  
DG  "C4'" "C3'"  sing N N 82  
DG  "C4'" "H4'"  sing N N 83  
DG  "O4'" "C1'"  sing N N 84  
DG  "C3'" "O3'"  sing N N 85  
DG  "C3'" "C2'"  sing N N 86  
DG  "C3'" "H3'"  sing N N 87  
DG  "O3'" "HO3'" sing N N 88  
DG  "C2'" "C1'"  sing N N 89  
DG  "C2'" "H2'"  sing N N 90  
DG  "C2'" "H2''" sing N N 91  
DG  "C1'" N9     sing N N 92  
DG  "C1'" "H1'"  sing N N 93  
DG  N9    C8     sing Y N 94  
DG  N9    C4     sing Y N 95  
DG  C8    N7     doub Y N 96  
DG  C8    H8     sing N N 97  
DG  N7    C5     sing Y N 98  
DG  C5    C6     sing N N 99  
DG  C5    C4     doub Y N 100 
DG  C6    O6     doub N N 101 
DG  C6    N1     sing N N 102 
DG  N1    C2     sing N N 103 
DG  N1    H1     sing N N 104 
DG  C2    N2     sing N N 105 
DG  C2    N3     doub N N 106 
DG  N2    H21    sing N N 107 
DG  N2    H22    sing N N 108 
DG  N3    C4     sing N N 109 
HOH O     H1     sing N N 110 
HOH O     H2     sing N N 111 
# 
_ndb_struct_conf_na.entry_id   318D 
_ndb_struct_conf_na.feature    'a-form double helix' 
# 
loop_
_ndb_struct_na_base_pair.model_number 
_ndb_struct_na_base_pair.i_label_asym_id 
_ndb_struct_na_base_pair.i_label_comp_id 
_ndb_struct_na_base_pair.i_label_seq_id 
_ndb_struct_na_base_pair.i_symmetry 
_ndb_struct_na_base_pair.j_label_asym_id 
_ndb_struct_na_base_pair.j_label_comp_id 
_ndb_struct_na_base_pair.j_label_seq_id 
_ndb_struct_na_base_pair.j_symmetry 
_ndb_struct_na_base_pair.shear 
_ndb_struct_na_base_pair.stretch 
_ndb_struct_na_base_pair.stagger 
_ndb_struct_na_base_pair.buckle 
_ndb_struct_na_base_pair.propeller 
_ndb_struct_na_base_pair.opening 
_ndb_struct_na_base_pair.pair_number 
_ndb_struct_na_base_pair.pair_name 
_ndb_struct_na_base_pair.i_auth_asym_id 
_ndb_struct_na_base_pair.i_auth_seq_id 
_ndb_struct_na_base_pair.i_PDB_ins_code 
_ndb_struct_na_base_pair.j_auth_asym_id 
_ndb_struct_na_base_pair.j_auth_seq_id 
_ndb_struct_na_base_pair.j_PDB_ins_code 
_ndb_struct_na_base_pair.hbond_type_28 
_ndb_struct_na_base_pair.hbond_type_12 
1 A DC  1  1_555 B DG  10 1_555 0.172  -0.257 0.331  -5.106 -6.222  -5.760 1  A_DC1:DG20_B  A 1  ? B 20 ? 19 1 
1 A DC  2  1_555 B DG  9  1_555 0.094  -0.330 0.369  7.277  -17.537 -2.834 2  A_DC2:DG19_B  A 2  ? B 19 ? 19 1 
1 A DG  3  1_555 B CBR 8  1_555 -0.212 -0.242 -0.153 -5.400 -8.197  1.304  3  A_DG3:CBR18_B A 3  ? B 18 ? 19 1 
1 A DG  4  1_555 B DC  7  1_555 -0.220 -0.383 -0.150 -2.643 -10.380 -0.812 4  A_DG4:DC17_B  A 4  ? B 17 ? 19 1 
1 A DG  5  1_555 B DC  6  1_555 0.166  -0.159 -0.315 -8.312 -12.055 -0.850 5  A_DG5:DC16_B  A 5  ? B 16 ? 19 1 
1 A DC  6  1_555 B DG  5  1_555 0.243  -0.416 -0.114 5.289  -10.093 -4.728 6  A_DC6:DG15_B  A 6  ? B 15 ? 19 1 
1 A DC  7  1_555 B DG  4  1_555 0.411  -0.400 -0.184 2.558  -9.204  -0.448 7  A_DC7:DG14_B  A 7  ? B 14 ? 19 1 
1 A CBR 8  1_555 B DG  3  1_555 0.054  -0.281 -0.002 -0.357 -8.985  -1.914 8  A_CBR8:DG13_B A 8  ? B 13 ? 19 1 
1 A DG  9  1_555 B DC  2  1_555 -0.054 -0.182 0.087  -1.852 -8.697  -1.390 9  A_DG9:DC12_B  A 9  ? B 12 ? 19 1 
1 A DG  10 1_555 B DC  1  1_555 -0.487 -0.317 -0.114 -2.873 -5.781  -2.000 10 A_DG10:DC11_B A 10 ? B 11 ? 19 1 
# 
loop_
_ndb_struct_na_base_pair_step.model_number 
_ndb_struct_na_base_pair_step.i_label_asym_id_1 
_ndb_struct_na_base_pair_step.i_label_comp_id_1 
_ndb_struct_na_base_pair_step.i_label_seq_id_1 
_ndb_struct_na_base_pair_step.i_symmetry_1 
_ndb_struct_na_base_pair_step.j_label_asym_id_1 
_ndb_struct_na_base_pair_step.j_label_comp_id_1 
_ndb_struct_na_base_pair_step.j_label_seq_id_1 
_ndb_struct_na_base_pair_step.j_symmetry_1 
_ndb_struct_na_base_pair_step.i_label_asym_id_2 
_ndb_struct_na_base_pair_step.i_label_comp_id_2 
_ndb_struct_na_base_pair_step.i_label_seq_id_2 
_ndb_struct_na_base_pair_step.i_symmetry_2 
_ndb_struct_na_base_pair_step.j_label_asym_id_2 
_ndb_struct_na_base_pair_step.j_label_comp_id_2 
_ndb_struct_na_base_pair_step.j_label_seq_id_2 
_ndb_struct_na_base_pair_step.j_symmetry_2 
_ndb_struct_na_base_pair_step.shift 
_ndb_struct_na_base_pair_step.slide 
_ndb_struct_na_base_pair_step.rise 
_ndb_struct_na_base_pair_step.tilt 
_ndb_struct_na_base_pair_step.roll 
_ndb_struct_na_base_pair_step.twist 
_ndb_struct_na_base_pair_step.x_displacement 
_ndb_struct_na_base_pair_step.y_displacement 
_ndb_struct_na_base_pair_step.helical_rise 
_ndb_struct_na_base_pair_step.inclination 
_ndb_struct_na_base_pair_step.tip 
_ndb_struct_na_base_pair_step.helical_twist 
_ndb_struct_na_base_pair_step.step_number 
_ndb_struct_na_base_pair_step.step_name 
_ndb_struct_na_base_pair_step.i_auth_asym_id_1 
_ndb_struct_na_base_pair_step.i_auth_seq_id_1 
_ndb_struct_na_base_pair_step.i_PDB_ins_code_1 
_ndb_struct_na_base_pair_step.j_auth_asym_id_1 
_ndb_struct_na_base_pair_step.j_auth_seq_id_1 
_ndb_struct_na_base_pair_step.j_PDB_ins_code_1 
_ndb_struct_na_base_pair_step.i_auth_asym_id_2 
_ndb_struct_na_base_pair_step.i_auth_seq_id_2 
_ndb_struct_na_base_pair_step.i_PDB_ins_code_2 
_ndb_struct_na_base_pair_step.j_auth_asym_id_2 
_ndb_struct_na_base_pair_step.j_auth_seq_id_2 
_ndb_struct_na_base_pair_step.j_PDB_ins_code_2 
1 A DC  1 1_555 B DG  10 1_555 A DC  2  1_555 B DG  9 1_555 -0.221 -1.905 2.892 -4.393 4.040  32.095 -3.990 -0.258 2.645 7.229  
7.861  32.631 1 AA_DC1DC2:DG19DG20_BB  A 1 ? B 20 ? A 2  ? B 19 ? 
1 A DC  2 1_555 B DG  9  1_555 A DG  3  1_555 B CBR 8 1_555 -0.005 -1.563 3.597 1.727  7.870  30.502 -4.403 0.345  3.102 14.640 
-3.213 31.524 2 AA_DC2DG3:CBR18DG19_BB A 2 ? B 19 ? A 3  ? B 18 ? 
1 A DG  3 1_555 B CBR 8  1_555 A DG  4  1_555 B DC  7 1_555 0.308  -1.820 3.336 -0.238 5.261  29.790 -4.525 -0.636 2.976 10.134 
0.458  30.242 3 AA_DG3DG4:DC17CBR18_BB A 3 ? B 18 ? A 4  ? B 17 ? 
1 A DG  4 1_555 B DC  7  1_555 A DG  5  1_555 B DC  6 1_555 -1.138 -1.322 3.494 -0.919 9.198  33.010 -3.723 1.785  3.056 15.806 
1.579  34.245 4 AA_DG4DG5:DC16DC17_BB  A 4 ? B 17 ? A 5  ? B 16 ? 
1 A DG  5 1_555 B DC  6  1_555 A DC  6  1_555 B DG  5 1_555 1.005  -1.912 2.965 1.407  3.603  28.777 -4.511 -1.732 2.754 7.209  
-2.814 29.030 5 AA_DG5DC6:DG15DC16_BB  A 5 ? B 16 ? A 6  ? B 15 ? 
1 A DC  6 1_555 B DG  5  1_555 A DC  7  1_555 B DG  4 1_555 0.250  -1.874 3.602 1.355  -1.019 30.875 -3.296 -0.177 3.668 -1.912 
-2.543 30.920 6 AA_DC6DC7:DG14DG15_BB  A 6 ? B 15 ? A 7  ? B 14 ? 
1 A DC  7 1_555 B DG  4  1_555 A CBR 8  1_555 B DG  3 1_555 -1.153 -1.921 3.441 -2.935 4.831  29.988 -4.635 1.594  3.195 9.232  
5.609  30.504 7 AA_DC7CBR8:DG13DG14_BB A 7 ? B 14 ? A 8  ? B 13 ? 
1 A CBR 8 1_555 B DG  3  1_555 A DG  9  1_555 B DC  2 1_555 1.251  -1.964 3.220 2.086  11.369 25.539 -6.419 -2.154 2.250 24.200 
-4.441 27.993 8 AA_CBR8DG9:DC12DG13_BB A 8 ? B 13 ? A 9  ? B 12 ? 
1 A DG  9 1_555 B DC  2  1_555 A DG  10 1_555 B DC  1 1_555 0.444  -2.009 3.326 3.736  4.385  28.945 -4.862 -0.091 3.028 8.665  
-7.382 29.501 9 AA_DG9DG10:DC11DC12_BB A 9 ? B 12 ? A 10 ? B 11 ? 
# 
_atom_sites.entry_id                    318D 
_atom_sites.fract_transf_matrix[1][1]   -0.01750781 
_atom_sites.fract_transf_matrix[1][2]   -0.00171873 
_atom_sites.fract_transf_matrix[1][3]   0.01098181 
_atom_sites.fract_transf_matrix[2][1]   -0.01219964 
_atom_sites.fract_transf_matrix[2][2]   -0.01658791 
_atom_sites.fract_transf_matrix[2][3]   -0.00246470 
_atom_sites.fract_transf_matrix[3][1]   0.01082312 
_atom_sites.fract_transf_matrix[3][2]   -0.01028453 
_atom_sites.fract_transf_matrix[3][3]   0.01564521 
_atom_sites.fract_transf_vector[1]      0.538734 
_atom_sites.fract_transf_vector[2]      -0.054645 
_atom_sites.fract_transf_vector[3]      0.205050 
# 
loop_
_atom_type.symbol 
BR 
C  
N  
O  
P  
# 
loop_
_atom_site.group_PDB 
_atom_site.id 
_atom_site.type_symbol 
_atom_site.label_atom_id 
_atom_site.label_alt_id 
_atom_site.label_comp_id 
_atom_site.label_asym_id 
_atom_site.label_entity_id 
_atom_site.label_seq_id 
_atom_site.pdbx_PDB_ins_code 
_atom_site.Cartn_x 
_atom_site.Cartn_y 
_atom_site.Cartn_z 
_atom_site.occupancy 
_atom_site.B_iso_or_equiv 
_atom_site.pdbx_formal_charge 
_atom_site.auth_seq_id 
_atom_site.auth_comp_id 
_atom_site.auth_asym_id 
_atom_site.auth_atom_id 
_atom_site.pdbx_PDB_model_num 
ATOM   1   O  "O5'" . DC  A 1 1  ? -3.061  12.423  4.467   1.00 66.29 ? 1   DC  A "O5'" 1 
ATOM   2   C  "C5'" . DC  A 1 1  ? -2.512  13.665  4.045   1.00 52.44 ? 1   DC  A "C5'" 1 
ATOM   3   C  "C4'" . DC  A 1 1  ? -1.152  13.908  4.642   1.00 53.67 ? 1   DC  A "C4'" 1 
ATOM   4   O  "O4'" . DC  A 1 1  ? -1.194  13.776  6.065   1.00 50.02 ? 1   DC  A "O4'" 1 
ATOM   5   C  "C3'" . DC  A 1 1  ? -0.157  12.892  4.220   1.00 52.88 ? 1   DC  A "C3'" 1 
ATOM   6   O  "O3'" . DC  A 1 1  ? 0.273   13.276  2.925   1.00 54.29 ? 1   DC  A "O3'" 1 
ATOM   7   C  "C2'" . DC  A 1 1  ? 0.921   13.248  5.197   1.00 52.15 ? 1   DC  A "C2'" 1 
ATOM   8   C  "C1'" . DC  A 1 1  ? 0.105   13.343  6.487   1.00 51.43 ? 1   DC  A "C1'" 1 
ATOM   9   N  N1    . DC  A 1 1  ? 0.089   12.083  7.310   1.00 52.42 ? 1   DC  A N1    1 
ATOM   10  C  C2    . DC  A 1 1  ? 1.272   11.598  7.875   1.00 50.75 ? 1   DC  A C2    1 
ATOM   11  O  O2    . DC  A 1 1  ? 2.358   12.144  7.755   1.00 45.53 ? 1   DC  A O2    1 
ATOM   12  N  N3    . DC  A 1 1  ? 1.239   10.464  8.599   1.00 50.82 ? 1   DC  A N3    1 
ATOM   13  C  C4    . DC  A 1 1  ? 0.096   9.802   8.800   1.00 52.81 ? 1   DC  A C4    1 
ATOM   14  N  N4    . DC  A 1 1  ? 0.109   8.661   9.484   1.00 50.36 ? 1   DC  A N4    1 
ATOM   15  C  C5    . DC  A 1 1  ? -1.135  10.264  8.249   1.00 54.49 ? 1   DC  A C5    1 
ATOM   16  C  C6    . DC  A 1 1  ? -1.084  11.404  7.524   1.00 54.09 ? 1   DC  A C6    1 
ATOM   17  P  P     . DC  A 1 2  ? 0.921   12.236  1.927   1.00 52.27 ? 2   DC  A P     1 
ATOM   18  O  OP1   . DC  A 1 2  ? 1.152   12.924  0.645   1.00 56.28 ? 2   DC  A OP1   1 
ATOM   19  O  OP2   . DC  A 1 2  ? 0.111   11.009  1.976   1.00 58.18 ? 2   DC  A OP2   1 
ATOM   20  O  "O5'" . DC  A 1 2  ? 2.376   11.941  2.506   1.00 50.25 ? 2   DC  A "O5'" 1 
ATOM   21  C  "C5'" . DC  A 1 2  ? 3.442   12.850  2.327   1.00 44.28 ? 2   DC  A "C5'" 1 
ATOM   22  C  "C4'" . DC  A 1 2  ? 4.619   12.429  3.176   1.00 48.65 ? 2   DC  A "C4'" 1 
ATOM   23  O  "O4'" . DC  A 1 2  ? 4.161   12.207  4.526   1.00 46.08 ? 2   DC  A "O4'" 1 
ATOM   24  C  "C3'" . DC  A 1 2  ? 5.160   11.105  2.773   1.00 47.79 ? 2   DC  A "C3'" 1 
ATOM   25  O  "O3'" . DC  A 1 2  ? 6.113   11.303  1.746   1.00 51.26 ? 2   DC  A "O3'" 1 
ATOM   26  C  "C2'" . DC  A 1 2  ? 5.906   10.768  3.984   1.00 45.15 ? 2   DC  A "C2'" 1 
ATOM   27  C  "C1'" . DC  A 1 2  ? 4.967   11.164  5.083   1.00 43.61 ? 2   DC  A "C1'" 1 
ATOM   28  N  N1    . DC  A 1 2  ? 4.161   10.045  5.618   1.00 41.99 ? 2   DC  A N1    1 
ATOM   29  C  C2    . DC  A 1 2  ? 4.750   9.137   6.464   1.00 42.66 ? 2   DC  A C2    1 
ATOM   30  O  O2    . DC  A 1 2  ? 5.933   9.206   6.790   1.00 44.36 ? 2   DC  A O2    1 
ATOM   31  N  N3    . DC  A 1 2  ? 3.970   8.158   6.963   1.00 43.45 ? 2   DC  A N3    1 
ATOM   32  C  C4    . DC  A 1 2  ? 2.673   8.046   6.667   1.00 44.38 ? 2   DC  A C4    1 
ATOM   33  N  N4    . DC  A 1 2  ? 1.921   7.077   7.191   1.00 48.82 ? 2   DC  A N4    1 
ATOM   34  C  C5    . DC  A 1 2  ? 2.061   8.972   5.802   1.00 42.15 ? 2   DC  A C5    1 
ATOM   35  C  C6    . DC  A 1 2  ? 2.846   9.941   5.311   1.00 40.95 ? 2   DC  A C6    1 
ATOM   36  P  P     . DG  A 1 3  ? 6.083   10.179  0.569   1.00 53.99 ? 3   DG  A P     1 
ATOM   37  O  OP1   . DG  A 1 3  ? 6.851   10.703  -0.583  1.00 56.16 ? 3   DG  A OP1   1 
ATOM   38  O  OP2   . DG  A 1 3  ? 4.694   9.646   0.403   1.00 50.74 ? 3   DG  A OP2   1 
ATOM   39  O  "O5'" . DG  A 1 3  ? 6.943   9.052   1.228   1.00 55.08 ? 3   DG  A "O5'" 1 
ATOM   40  C  "C5'" . DG  A 1 3  ? 8.360   9.090   1.258   1.00 53.00 ? 3   DG  A "C5'" 1 
ATOM   41  C  "C4'" . DG  A 1 3  ? 8.882   7.949   2.116   1.00 51.11 ? 3   DG  A "C4'" 1 
ATOM   42  O  "O4'" . DG  A 1 3  ? 8.490   8.041   3.484   1.00 51.21 ? 3   DG  A "O4'" 1 
ATOM   43  C  "C3'" . DG  A 1 3  ? 8.203   6.696   1.759   1.00 54.03 ? 3   DG  A "C3'" 1 
ATOM   44  O  "O3'" . DG  A 1 3  ? 8.610   6.275   0.452   1.00 53.93 ? 3   DG  A "O3'" 1 
ATOM   45  C  "C2'" . DG  A 1 3  ? 8.722   5.856   2.903   1.00 50.43 ? 3   DG  A "C2'" 1 
ATOM   46  C  "C1'" . DG  A 1 3  ? 8.250   6.720   4.017   1.00 43.93 ? 3   DG  A "C1'" 1 
ATOM   47  N  N9    . DG  A 1 3  ? 6.825   6.377   4.318   1.00 36.71 ? 3   DG  A N9    1 
ATOM   48  C  C8    . DG  A 1 3  ? 5.643   6.965   3.932   1.00 39.02 ? 3   DG  A C8    1 
ATOM   49  N  N7    . DG  A 1 3  ? 4.579   6.346   4.339   1.00 40.37 ? 3   DG  A N7    1 
ATOM   50  C  C5    . DG  A 1 3  ? 5.072   5.276   5.043   1.00 37.63 ? 3   DG  A C5    1 
ATOM   51  C  C6    . DG  A 1 3  ? 4.372   4.304   5.777   1.00 38.61 ? 3   DG  A C6    1 
ATOM   52  O  O6    . DG  A 1 3  ? 3.157   4.201   5.915   1.00 37.93 ? 3   DG  A O6    1 
ATOM   53  N  N1    . DG  A 1 3  ? 5.243   3.461   6.432   1.00 38.62 ? 3   DG  A N1    1 
ATOM   54  C  C2    . DG  A 1 3  ? 6.615   3.565   6.393   1.00 38.76 ? 3   DG  A C2    1 
ATOM   55  N  N2    . DG  A 1 3  ? 7.303   2.751   7.167   1.00 40.03 ? 3   DG  A N2    1 
ATOM   56  N  N3    . DG  A 1 3  ? 7.280   4.476   5.693   1.00 37.92 ? 3   DG  A N3    1 
ATOM   57  C  C4    . DG  A 1 3  ? 6.440   5.293   5.041   1.00 36.59 ? 3   DG  A C4    1 
ATOM   58  P  P     . DG  A 1 4  ? 9.614   5.215   -0.134  1.00 53.92 ? 4   DG  A P     1 
ATOM   59  O  OP1   . DG  A 1 4  ? 11.000  5.674   0.161   1.00 50.82 ? 4   DG  A OP1   1 
ATOM   60  O  OP2   . DG  A 1 4  ? 9.166   5.012   -1.532  1.00 57.48 ? 4   DG  A OP2   1 
ATOM   61  O  "O5'" . DG  A 1 4  ? 9.273   3.827   0.633   1.00 48.56 ? 4   DG  A "O5'" 1 
ATOM   62  C  "C5'" . DG  A 1 4  ? 10.397  3.061   1.110   1.00 43.78 ? 4   DG  A "C5'" 1 
ATOM   63  C  "C4'" . DG  A 1 4  ? 9.980   2.008   2.086   1.00 37.49 ? 4   DG  A "C4'" 1 
ATOM   64  O  "O4'" . DG  A 1 4  ? 9.039   2.539   2.976   1.00 34.63 ? 4   DG  A "O4'" 1 
ATOM   65  C  "C3'" . DG  A 1 4  ? 9.253   0.904   1.463   1.00 34.21 ? 4   DG  A "C3'" 1 
ATOM   66  O  "O3'" . DG  A 1 4  ? 10.272  0.091   0.925   1.00 32.87 ? 4   DG  A "O3'" 1 
ATOM   67  C  "C2'" . DG  A 1 4  ? 8.809   0.273   2.731   1.00 32.53 ? 4   DG  A "C2'" 1 
ATOM   68  C  "C1'" . DG  A 1 4  ? 8.296   1.460   3.476   1.00 27.12 ? 4   DG  A "C1'" 1 
ATOM   69  N  N9    . DG  A 1 4  ? 6.851   1.723   3.315   1.00 29.60 ? 4   DG  A N9    1 
ATOM   70  C  C8    . DG  A 1 4  ? 6.162   2.711   2.612   1.00 28.60 ? 4   DG  A C8    1 
ATOM   71  N  N7    . DG  A 1 4  ? 4.851   2.644   2.779   1.00 29.07 ? 4   DG  A N7    1 
ATOM   72  C  C5    . DG  A 1 4  ? 4.667   1.560   3.624   1.00 23.66 ? 4   DG  A C5    1 
ATOM   73  C  C6    . DG  A 1 4  ? 3.490   1.015   4.140   1.00 27.64 ? 4   DG  A C6    1 
ATOM   74  O  O6    . DG  A 1 4  ? 2.350   1.398   3.949   1.00 27.68 ? 4   DG  A O6    1 
ATOM   75  N  N1    . DG  A 1 4  ? 3.727   -0.077  4.956   1.00 25.95 ? 4   DG  A N1    1 
ATOM   76  C  C2    . DG  A 1 4  ? 4.977   -0.598  5.243   1.00 23.92 ? 4   DG  A C2    1 
ATOM   77  N  N2    . DG  A 1 4  ? 5.023   -1.627  6.080   1.00 22.23 ? 4   DG  A N2    1 
ATOM   78  N  N3    . DG  A 1 4  ? 6.109   -0.090  4.755   1.00 24.44 ? 4   DG  A N3    1 
ATOM   79  C  C4    . DG  A 1 4  ? 5.870   0.990   3.956   1.00 28.84 ? 4   DG  A C4    1 
ATOM   80  P  P     . DG  A 1 5  ? 9.913   -1.032  -0.144  1.00 36.07 ? 5   DG  A P     1 
ATOM   81  O  OP1   . DG  A 1 5  ? 11.217  -1.375  -0.743  1.00 39.52 ? 5   DG  A OP1   1 
ATOM   82  O  OP2   . DG  A 1 5  ? 8.783   -0.614  -1.012  1.00 37.91 ? 5   DG  A OP2   1 
ATOM   83  O  "O5'" . DG  A 1 5  ? 9.401   -2.251  0.751   1.00 37.26 ? 5   DG  A "O5'" 1 
ATOM   84  C  "C5'" . DG  A 1 5  ? 10.290  -3.166  1.383   1.00 36.68 ? 5   DG  A "C5'" 1 
ATOM   85  C  "C4'" . DG  A 1 5  ? 9.450   -4.244  2.066   1.00 33.19 ? 5   DG  A "C4'" 1 
ATOM   86  O  "O4'" . DG  A 1 5  ? 8.566   -3.609  3.011   1.00 31.28 ? 5   DG  A "O4'" 1 
ATOM   87  C  "C3'" . DG  A 1 5  ? 8.511   -4.923  1.085   1.00 28.33 ? 5   DG  A "C3'" 1 
ATOM   88  O  "O3'" . DG  A 1 5  ? 9.239   -6.019  0.465   1.00 28.06 ? 5   DG  A "O3'" 1 
ATOM   89  C  "C2'" . DG  A 1 5  ? 7.550   -5.492  2.101   1.00 30.01 ? 5   DG  A "C2'" 1 
ATOM   90  C  "C1'" . DG  A 1 5  ? 7.317   -4.294  3.021   1.00 26.87 ? 5   DG  A "C1'" 1 
ATOM   91  N  N9    . DG  A 1 5  ? 6.241   -3.388  2.563   1.00 26.96 ? 5   DG  A N9    1 
ATOM   92  C  C8    . DG  A 1 5  ? 6.304   -2.217  1.872   1.00 33.53 ? 5   DG  A C8    1 
ATOM   93  N  N7    . DG  A 1 5  ? 5.157   -1.637  1.657   1.00 33.47 ? 5   DG  A N7    1 
ATOM   94  C  C5    . DG  A 1 5  ? 4.253   -2.476  2.237   1.00 25.60 ? 5   DG  A C5    1 
ATOM   95  C  C6    . DG  A 1 5  ? 2.860   -2.317  2.375   1.00 29.19 ? 5   DG  A C6    1 
ATOM   96  O  O6    . DG  A 1 5  ? 2.176   -1.378  1.972   1.00 27.76 ? 5   DG  A O6    1 
ATOM   97  N  N1    . DG  A 1 5  ? 2.309   -3.345  3.110   1.00 22.48 ? 5   DG  A N1    1 
ATOM   98  C  C2    . DG  A 1 5  ? 3.045   -4.388  3.636   1.00 29.26 ? 5   DG  A C2    1 
ATOM   99  N  N2    . DG  A 1 5  ? 2.392   -5.281  4.372   1.00 25.26 ? 5   DG  A N2    1 
ATOM   100 N  N3    . DG  A 1 5  ? 4.362   -4.535  3.502   1.00 27.65 ? 5   DG  A N3    1 
ATOM   101 C  C4    . DG  A 1 5  ? 4.906   -3.545  2.791   1.00 31.39 ? 5   DG  A C4    1 
ATOM   102 P  P     . DC  A 1 6  ? 8.636   -6.475  -0.937  1.00 30.47 ? 6   DC  A P     1 
ATOM   103 O  OP1   . DC  A 1 6  ? 9.523   -7.430  -1.613  1.00 36.30 ? 6   DC  A OP1   1 
ATOM   104 O  OP2   . DC  A 1 6  ? 8.171   -5.272  -1.647  1.00 23.99 ? 6   DC  A OP2   1 
ATOM   105 O  "O5'" . DC  A 1 6  ? 7.377   -7.327  -0.452  1.00 28.47 ? 6   DC  A "O5'" 1 
ATOM   106 C  "C5'" . DC  A 1 6  ? 6.314   -7.671  -1.348  1.00 27.83 ? 6   DC  A "C5'" 1 
ATOM   107 C  "C4'" . DC  A 1 6  ? 5.080   -8.018  -0.502  1.00 27.58 ? 6   DC  A "C4'" 1 
ATOM   108 O  "O4'" . DC  A 1 6  ? 4.786   -6.854  0.323   1.00 23.87 ? 6   DC  A "O4'" 1 
ATOM   109 C  "C3'" . DC  A 1 6  ? 3.837   -8.192  -1.342  1.00 27.60 ? 6   DC  A "C3'" 1 
ATOM   110 O  "O3'" . DC  A 1 6  ? 3.846   -9.554  -1.768  1.00 31.91 ? 6   DC  A "O3'" 1 
ATOM   111 C  "C2'" . DC  A 1 6  ? 2.806   -8.023  -0.191  1.00 28.19 ? 6   DC  A "C2'" 1 
ATOM   112 C  "C1'" . DC  A 1 6  ? 3.378   -6.781  0.518   1.00 26.47 ? 6   DC  A "C1'" 1 
ATOM   113 N  N1    . DC  A 1 6  ? 2.865   -5.484  0.044   1.00 21.51 ? 6   DC  A N1    1 
ATOM   114 C  C2    . DC  A 1 6  ? 1.548   -5.167  0.357   1.00 26.71 ? 6   DC  A C2    1 
ATOM   115 O  O2    . DC  A 1 6  ? 0.815   -5.921  1.018   1.00 32.99 ? 6   DC  A O2    1 
ATOM   116 N  N3    . DC  A 1 6  ? 1.089   -3.960  -0.085  1.00 20.53 ? 6   DC  A N3    1 
ATOM   117 C  C4    . DC  A 1 6  ? 1.849   -3.115  -0.779  1.00 21.83 ? 6   DC  A C4    1 
ATOM   118 N  N4    . DC  A 1 6  ? 1.339   -1.985  -1.221  1.00 19.40 ? 6   DC  A N4    1 
ATOM   119 C  C5    . DC  A 1 6  ? 3.186   -3.434  -1.079  1.00 18.30 ? 6   DC  A C5    1 
ATOM   120 C  C6    . DC  A 1 6  ? 3.641   -4.617  -0.655  1.00 20.56 ? 6   DC  A C6    1 
ATOM   121 P  P     . DC  A 1 7  ? 3.171   -9.897  -3.131  1.00 33.65 ? 7   DC  A P     1 
ATOM   122 O  OP1   . DC  A 1 7  ? 3.459   -11.319 -3.375  1.00 29.69 ? 7   DC  A OP1   1 
ATOM   123 O  OP2   . DC  A 1 7  ? 3.535   -8.833  -4.085  1.00 27.92 ? 7   DC  A OP2   1 
ATOM   124 O  "O5'" . DC  A 1 7  ? 1.592   -9.754  -2.874  1.00 29.20 ? 7   DC  A "O5'" 1 
ATOM   125 C  "C5'" . DC  A 1 7  ? 0.897   -10.748 -2.122  1.00 30.11 ? 7   DC  A "C5'" 1 
ATOM   126 C  "C4'" . DC  A 1 7  ? -0.464  -10.236 -1.694  1.00 31.23 ? 7   DC  A "C4'" 1 
ATOM   127 O  "O4'" . DC  A 1 7  ? -0.277  -8.932  -1.192  1.00 31.22 ? 7   DC  A "O4'" 1 
ATOM   128 C  "C3'" . DC  A 1 7  ? -1.416  -10.039 -2.827  1.00 31.74 ? 7   DC  A "C3'" 1 
ATOM   129 O  "O3'" . DC  A 1 7  ? -2.088  -11.286 -2.991  1.00 35.84 ? 7   DC  A "O3'" 1 
ATOM   130 C  "C2'" . DC  A 1 7  ? -2.393  -9.114  -2.135  1.00 30.38 ? 7   DC  A "C2'" 1 
ATOM   131 C  "C1'" . DC  A 1 7  ? -1.441  -8.148  -1.464  1.00 30.31 ? 7   DC  A "C1'" 1 
ATOM   132 N  N1    . DC  A 1 7  ? -1.132  -6.874  -2.225  1.00 26.42 ? 7   DC  A N1    1 
ATOM   133 C  C2    . DC  A 1 7  ? -2.130  -5.916  -2.277  1.00 27.02 ? 7   DC  A C2    1 
ATOM   134 O  O2    . DC  A 1 7  ? -3.215  -6.103  -1.722  1.00 27.71 ? 7   DC  A O2    1 
ATOM   135 N  N3    . DC  A 1 7  ? -1.861  -4.764  -2.911  1.00 23.97 ? 7   DC  A N3    1 
ATOM   136 C  C4    . DC  A 1 7  ? -0.698  -4.542  -3.460  1.00 22.14 ? 7   DC  A C4    1 
ATOM   137 N  N4    . DC  A 1 7  ? -0.524  -3.367  -4.054  1.00 20.52 ? 7   DC  A N4    1 
ATOM   138 C  C5    . DC  A 1 7  ? 0.345   -5.497  -3.425  1.00 19.21 ? 7   DC  A C5    1 
ATOM   139 C  C6    . DC  A 1 7  ? 0.082   -6.653  -2.800  1.00 24.77 ? 7   DC  A C6    1 
HETATM 140 BR BR    . CBR A 1 8  ? -2.099  -7.345  -5.691  1.00 36.10 ? 8   CBR A BR    1 
HETATM 141 P  P     . CBR A 1 8  ? -2.943  -11.701 -4.259  1.00 36.97 ? 8   CBR A P     1 
HETATM 142 O  OP1   . CBR A 1 8  ? -3.336  -13.106 -4.049  1.00 35.30 ? 8   CBR A OP1   1 
HETATM 143 O  OP2   . CBR A 1 8  ? -2.156  -11.311 -5.444  1.00 35.15 ? 8   CBR A OP2   1 
HETATM 144 O  "O5'" . CBR A 1 8  ? -4.273  -10.804 -4.147  1.00 35.36 ? 8   CBR A "O5'" 1 
HETATM 145 N  N1    . CBR A 1 8  ? -5.983  -7.220  -4.592  1.00 34.41 ? 8   CBR A N1    1 
HETATM 146 C  C6    . CBR A 1 8  ? -4.674  -7.560  -4.795  1.00 31.19 ? 8   CBR A C6    1 
HETATM 147 C  C2    . CBR A 1 8  ? -6.472  -5.961  -5.032  1.00 35.77 ? 8   CBR A C2    1 
HETATM 148 O  O2    . CBR A 1 8  ? -7.654  -5.636  -4.844  1.00 33.60 ? 8   CBR A O2    1 
HETATM 149 N  N3    . CBR A 1 8  ? -5.572  -5.094  -5.653  1.00 31.58 ? 8   CBR A N3    1 
HETATM 150 C  C4    . CBR A 1 8  ? -4.288  -5.444  -5.837  1.00 31.70 ? 8   CBR A C4    1 
HETATM 151 N  N4    . CBR A 1 8  ? -3.446  -4.594  -6.409  1.00 31.79 ? 8   CBR A N4    1 
HETATM 152 C  C5    . CBR A 1 8  ? -3.824  -6.723  -5.407  1.00 28.82 ? 8   CBR A C5    1 
HETATM 153 C  "C2'" . CBR A 1 8  ? -7.778  -8.867  -4.803  1.00 38.51 ? 8   CBR A "C2'" 1 
HETATM 154 C  "C5'" . CBR A 1 8  ? -5.399  -11.279 -3.412  1.00 37.12 ? 8   CBR A "C5'" 1 
HETATM 155 C  "C4'" . CBR A 1 8  ? -6.618  -10.422 -3.565  1.00 33.69 ? 8   CBR A "C4'" 1 
HETATM 156 O  "O4'" . CBR A 1 8  ? -6.183  -9.164  -3.134  1.00 32.58 ? 8   CBR A "O4'" 1 
HETATM 157 C  "C1'" . CBR A 1 8  ? -6.890  -8.137  -3.845  1.00 35.11 ? 8   CBR A "C1'" 1 
HETATM 158 C  "C3'" . CBR A 1 8  ? -7.007  -10.177 -5.009  1.00 38.25 ? 8   CBR A "C3'" 1 
HETATM 159 O  "O3'" . CBR A 1 8  ? -7.948  -11.194 -5.427  1.00 38.16 ? 8   CBR A "O3'" 1 
ATOM   160 P  P     . DG  A 1 9  ? -7.803  -11.917 -6.855  1.00 41.36 ? 9   DG  A P     1 
ATOM   161 O  OP1   . DG  A 1 9  ? -9.030  -12.712 -7.068  1.00 40.07 ? 9   DG  A OP1   1 
ATOM   162 O  OP2   . DG  A 1 9  ? -6.496  -12.576 -6.918  1.00 39.73 ? 9   DG  A OP2   1 
ATOM   163 O  "O5'" . DG  A 1 9  ? -7.756  -10.723 -7.904  1.00 37.96 ? 9   DG  A "O5'" 1 
ATOM   164 C  "C5'" . DG  A 1 9  ? -8.986  -10.274 -8.414  1.00 41.36 ? 9   DG  A "C5'" 1 
ATOM   165 C  "C4'" . DG  A 1 9  ? -9.107  -8.830  -8.907  1.00 41.98 ? 9   DG  A "C4'" 1 
ATOM   166 O  "O4'" . DG  A 1 9  ? -8.474  -7.914  -8.014  1.00 42.30 ? 9   DG  A "O4'" 1 
ATOM   167 C  "C3'" . DG  A 1 9  ? -8.572  -8.478  -10.236 1.00 42.12 ? 9   DG  A "C3'" 1 
ATOM   168 O  "O3'" . DG  A 1 9  ? -9.449  -9.063  -11.203 1.00 46.45 ? 9   DG  A "O3'" 1 
ATOM   169 C  "C2'" . DG  A 1 9  ? -8.877  -7.002  -10.139 1.00 39.62 ? 9   DG  A "C2'" 1 
ATOM   170 C  "C1'" . DG  A 1 9  ? -8.330  -6.699  -8.739  1.00 37.92 ? 9   DG  A "C1'" 1 
ATOM   171 N  N9    . DG  A 1 9  ? -6.944  -6.237  -8.840  1.00 33.68 ? 9   DG  A N9    1 
ATOM   172 C  C8    . DG  A 1 9  ? -5.780  -6.921  -8.693  1.00 36.97 ? 9   DG  A C8    1 
ATOM   173 N  N7    . DG  A 1 9  ? -4.732  -6.203  -8.957  1.00 37.84 ? 9   DG  A N7    1 
ATOM   174 C  C5    . DG  A 1 9  ? -5.222  -4.966  -9.287  1.00 35.59 ? 9   DG  A C5    1 
ATOM   175 C  C6    . DG  A 1 9  ? -4.542  -3.859  -9.825  1.00 35.48 ? 9   DG  A C6    1 
ATOM   176 O  O6    . DG  A 1 9  ? -3.328  -3.722  -9.949  1.00 39.62 ? 9   DG  A O6    1 
ATOM   177 N  N1    . DG  A 1 9  ? -5.432  -2.889  -10.233 1.00 36.61 ? 9   DG  A N1    1 
ATOM   178 C  C2    . DG  A 1 9  ? -6.794  -2.985  -10.135 1.00 38.13 ? 9   DG  A C2    1 
ATOM   179 N  N2    . DG  A 1 9  ? -7.536  -1.970  -10.565 1.00 41.11 ? 9   DG  A N2    1 
ATOM   180 N  N3    . DG  A 1 9  ? -7.411  -4.037  -9.620  1.00 37.54 ? 9   DG  A N3    1 
ATOM   181 C  C4    . DG  A 1 9  ? -6.573  -4.983  -9.218  1.00 32.89 ? 9   DG  A C4    1 
ATOM   182 P  P     . DG  A 1 10 ? -9.018  -9.308  -12.756 1.00 44.96 ? 10  DG  A P     1 
ATOM   183 O  OP1   . DG  A 1 10 ? -10.136 -10.039 -13.388 1.00 51.00 ? 10  DG  A OP1   1 
ATOM   184 O  OP2   . DG  A 1 10 ? -7.681  -9.906  -12.852 1.00 45.98 ? 10  DG  A OP2   1 
ATOM   185 O  "O5'" . DG  A 1 10 ? -8.960  -7.805  -13.364 1.00 49.22 ? 10  DG  A "O5'" 1 
ATOM   186 C  "C5'" . DG  A 1 10 ? -10.248 -7.168  -13.506 1.00 50.92 ? 10  DG  A "C5'" 1 
ATOM   187 C  "C4'" . DG  A 1 10 ? -10.089 -5.698  -13.801 1.00 50.03 ? 10  DG  A "C4'" 1 
ATOM   188 O  "O4'" . DG  A 1 10 ? -9.264  -5.104  -12.821 1.00 49.36 ? 10  DG  A "O4'" 1 
ATOM   189 C  "C3'" . DG  A 1 10 ? -9.363  -5.503  -15.069 1.00 49.13 ? 10  DG  A "C3'" 1 
ATOM   190 O  "O3'" . DG  A 1 10 ? -10.363 -5.709  -16.041 1.00 55.52 ? 10  DG  A "O3'" 1 
ATOM   191 C  "C2'" . DG  A 1 10 ? -8.983  -4.086  -14.908 1.00 45.70 ? 10  DG  A "C2'" 1 
ATOM   192 C  "C1'" . DG  A 1 10 ? -8.491  -4.110  -13.484 1.00 40.72 ? 10  DG  A "C1'" 1 
ATOM   193 N  N9    . DG  A 1 10 ? -7.043  -4.371  -13.384 1.00 33.35 ? 10  DG  A N9    1 
ATOM   194 C  C8    . DG  A 1 10 ? -6.349  -5.468  -12.968 1.00 29.20 ? 10  DG  A C8    1 
ATOM   195 N  N7    . DG  A 1 10 ? -5.061  -5.268  -12.919 1.00 31.47 ? 10  DG  A N7    1 
ATOM   196 C  C5    . DG  A 1 10 ? -4.892  -3.972  -13.323 1.00 28.33 ? 10  DG  A C5    1 
ATOM   197 C  C6    . DG  A 1 10 ? -3.736  -3.208  -13.499 1.00 30.42 ? 10  DG  A C6    1 
ATOM   198 O  O6    . DG  A 1 10 ? -2.583  -3.504  -13.265 1.00 33.79 ? 10  DG  A O6    1 
ATOM   199 N  N1    . DG  A 1 10 ? -3.994  -1.958  -13.980 1.00 31.81 ? 10  DG  A N1    1 
ATOM   200 C  C2    . DG  A 1 10 ? -5.234  -1.475  -14.253 1.00 33.71 ? 10  DG  A C2    1 
ATOM   201 N  N2    . DG  A 1 10 ? -5.319  -0.224  -14.693 1.00 37.69 ? 10  DG  A N2    1 
ATOM   202 N  N3    . DG  A 1 10 ? -6.332  -2.188  -14.076 1.00 34.80 ? 10  DG  A N3    1 
ATOM   203 C  C4    . DG  A 1 10 ? -6.089  -3.423  -13.617 1.00 30.49 ? 10  DG  A C4    1 
ATOM   204 O  "O5'" . DC  B 1 1  ? 2.428   4.093   -14.330 1.00 63.74 ? 11  DC  B "O5'" 1 
ATOM   205 C  "C5'" . DC  B 1 1  ? 1.747   5.156   -15.020 1.00 59.93 ? 11  DC  B "C5'" 1 
ATOM   206 C  "C4'" . DC  B 1 1  ? 0.295   4.815   -15.310 1.00 53.77 ? 11  DC  B "C4'" 1 
ATOM   207 O  "O4'" . DC  B 1 1  ? 0.310   3.533   -15.945 1.00 51.73 ? 11  DC  B "O4'" 1 
ATOM   208 C  "C3'" . DC  B 1 1  ? -0.559  4.599   -14.107 1.00 52.15 ? 11  DC  B "C3'" 1 
ATOM   209 O  "O3'" . DC  B 1 1  ? -1.045  5.851   -13.689 1.00 49.81 ? 11  DC  B "O3'" 1 
ATOM   210 C  "C2'" . DC  B 1 1  ? -1.692  3.897   -14.776 1.00 50.40 ? 11  DC  B "C2'" 1 
ATOM   211 C  "C1'" . DC  B 1 1  ? -0.901  2.859   -15.577 1.00 51.40 ? 11  DC  B "C1'" 1 
ATOM   212 N  N1    . DC  B 1 1  ? -0.663  1.540   -14.892 1.00 52.71 ? 11  DC  B N1    1 
ATOM   213 C  C2    . DC  B 1 1  ? -1.745  0.671   -14.771 1.00 55.23 ? 11  DC  B C2    1 
ATOM   214 O  O2    . DC  B 1 1  ? -2.873  0.977   -15.156 1.00 53.42 ? 11  DC  B O2    1 
ATOM   215 N  N3    . DC  B 1 1  ? -1.533  -0.565  -14.253 1.00 53.38 ? 11  DC  B N3    1 
ATOM   216 C  C4    . DC  B 1 1  ? -0.325  -0.946  -13.870 1.00 51.53 ? 11  DC  B C4    1 
ATOM   217 N  N4    . DC  B 1 1  ? -0.164  -2.185  -13.444 1.00 52.09 ? 11  DC  B N4    1 
ATOM   218 C  C5    . DC  B 1 1  ? 0.800   -0.083  -13.966 1.00 51.98 ? 11  DC  B C5    1 
ATOM   219 C  C6    . DC  B 1 1  ? 0.584   1.143   -14.480 1.00 52.09 ? 11  DC  B C6    1 
ATOM   220 P  P     . DC  B 1 2  ? -1.446  6.009   -12.123 1.00 50.80 ? 12  DC  B P     1 
ATOM   221 O  OP1   . DC  B 1 2  ? -1.628  7.454   -11.846 1.00 53.75 ? 12  DC  B OP1   1 
ATOM   222 O  OP2   . DC  B 1 2  ? -0.521  5.207   -11.281 1.00 49.18 ? 12  DC  B OP2   1 
ATOM   223 O  "O5'" . DC  B 1 2  ? -2.881  5.335   -12.069 1.00 49.62 ? 12  DC  B "O5'" 1 
ATOM   224 C  "C5'" . DC  B 1 2  ? -4.009  6.020   -12.603 1.00 45.96 ? 12  DC  B "C5'" 1 
ATOM   225 C  "C4'" . DC  B 1 2  ? -5.208  5.138   -12.516 1.00 40.19 ? 12  DC  B "C4'" 1 
ATOM   226 O  "O4'" . DC  B 1 2  ? -4.891  3.904   -13.160 1.00 39.65 ? 12  DC  B "O4'" 1 
ATOM   227 C  "C3'" . DC  B 1 2  ? -5.474  4.742   -11.113 1.00 39.09 ? 12  DC  B "C3'" 1 
ATOM   228 O  "O3'" . DC  B 1 2  ? -6.229  5.801   -10.545 1.00 38.27 ? 12  DC  B "O3'" 1 
ATOM   229 C  "C2'" . DC  B 1 2  ? -6.375  3.575   -11.406 1.00 37.72 ? 12  DC  B "C2'" 1 
ATOM   230 C  "C1'" . DC  B 1 2  ? -5.565  2.855   -12.472 1.00 35.74 ? 12  DC  B "C1'" 1 
ATOM   231 N  N1    . DC  B 1 2  ? -4.646  1.803   -11.957 1.00 35.84 ? 12  DC  B N1    1 
ATOM   232 C  C2    . DC  B 1 2  ? -5.182  0.599   -11.554 1.00 39.51 ? 12  DC  B C2    1 
ATOM   233 O  O2    . DC  B 1 2  ? -6.373  0.343   -11.652 1.00 40.63 ? 12  DC  B O2    1 
ATOM   234 N  N3    . DC  B 1 2  ? -4.347  -0.349  -11.080 1.00 39.14 ? 12  DC  B N3    1 
ATOM   235 C  C4    . DC  B 1 2  ? -3.036  -0.146  -11.000 1.00 41.17 ? 12  DC  B C4    1 
ATOM   236 N  N4    . DC  B 1 2  ? -2.234  -1.096  -10.528 1.00 42.71 ? 12  DC  B N4    1 
ATOM   237 C  C5    . DC  B 1 2  ? -2.467  1.072   -11.411 1.00 38.71 ? 12  DC  B C5    1 
ATOM   238 C  C6    . DC  B 1 2  ? -3.309  2.005   -11.876 1.00 38.38 ? 12  DC  B C6    1 
ATOM   239 P  P     . DG  B 1 3  ? -6.484  5.941   -8.961  1.00 41.44 ? 13  DG  B P     1 
ATOM   240 O  OP1   . DG  B 1 3  ? -7.209  7.215   -8.744  1.00 42.43 ? 13  DG  B OP1   1 
ATOM   241 O  OP2   . DG  B 1 3  ? -5.211  5.677   -8.249  1.00 38.30 ? 13  DG  B OP2   1 
ATOM   242 O  "O5'" . DG  B 1 3  ? -7.505  4.722   -8.611  1.00 38.41 ? 13  DG  B "O5'" 1 
ATOM   243 C  "C5'" . DG  B 1 3  ? -8.908  4.848   -8.798  1.00 39.54 ? 13  DG  B "C5'" 1 
ATOM   244 C  "C4'" . DG  B 1 3  ? -9.597  3.597   -8.334  1.00 39.09 ? 13  DG  B "C4'" 1 
ATOM   245 O  "O4'" . DG  B 1 3  ? -9.114  2.470   -9.048  1.00 40.36 ? 13  DG  B "O4'" 1 
ATOM   246 C  "C3'" . DG  B 1 3  ? -9.257  3.290   -6.931  1.00 39.55 ? 13  DG  B "C3'" 1 
ATOM   247 O  "O3'" . DG  B 1 3  ? -10.079 4.135   -6.148  1.00 43.49 ? 13  DG  B "O3'" 1 
ATOM   248 C  "C2'" . DG  B 1 3  ? -9.772  1.864   -6.875  1.00 36.67 ? 13  DG  B "C2'" 1 
ATOM   249 C  "C1'" . DG  B 1 3  ? -9.126  1.348   -8.134  1.00 35.34 ? 13  DG  B "C1'" 1 
ATOM   250 N  N9    . DG  B 1 3  ? -7.761  0.830   -7.912  1.00 30.51 ? 13  DG  B N9    1 
ATOM   251 C  C8    . DG  B 1 3  ? -6.549  1.340   -8.263  1.00 31.24 ? 13  DG  B C8    1 
ATOM   252 N  N7    . DG  B 1 3  ? -5.542  0.560   -8.002  1.00 34.47 ? 13  DG  B N7    1 
ATOM   253 C  C5    . DG  B 1 3  ? -6.116  -0.557  -7.431  1.00 28.71 ? 13  DG  B C5    1 
ATOM   254 C  C6    . DG  B 1 3  ? -5.519  -1.794  -7.045  1.00 32.46 ? 13  DG  B C6    1 
ATOM   255 O  O6    . DG  B 1 3  ? -4.330  -2.130  -7.068  1.00 29.79 ? 13  DG  B O6    1 
ATOM   256 N  N1    . DG  B 1 3  ? -6.501  -2.696  -6.636  1.00 32.82 ? 13  DG  B N1    1 
ATOM   257 C  C2    . DG  B 1 3  ? -7.853  -2.458  -6.596  1.00 32.54 ? 13  DG  B C2    1 
ATOM   258 N  N2    . DG  B 1 3  ? -8.646  -3.451  -6.207  1.00 33.59 ? 13  DG  B N2    1 
ATOM   259 N  N3    . DG  B 1 3  ? -8.389  -1.299  -6.957  1.00 31.10 ? 13  DG  B N3    1 
ATOM   260 C  C4    . DG  B 1 3  ? -7.472  -0.395  -7.365  1.00 31.75 ? 13  DG  B C4    1 
ATOM   261 P  P     . DG  B 1 4  ? -9.641  4.461   -4.657  1.00 45.69 ? 14  DG  B P     1 
ATOM   262 O  OP1   . DG  B 1 4  ? -10.567 5.506   -4.189  1.00 49.58 ? 14  DG  B OP1   1 
ATOM   263 O  OP2   . DG  B 1 4  ? -8.167  4.643   -4.617  1.00 37.68 ? 14  DG  B OP2   1 
ATOM   264 O  "O5'" . DG  B 1 4  ? -10.058 3.107   -3.898  1.00 43.02 ? 14  DG  B "O5'" 1 
ATOM   265 C  "C5'" . DG  B 1 4  ? -9.436  2.696   -2.700  1.00 40.99 ? 14  DG  B "C5'" 1 
ATOM   266 C  "C4'" . DG  B 1 4  ? -9.694  1.233   -2.547  1.00 38.38 ? 14  DG  B "C4'" 1 
ATOM   267 O  "O4'" . DG  B 1 4  ? -9.208  0.507   -3.697  1.00 33.31 ? 14  DG  B "O4'" 1 
ATOM   268 C  "C3'" . DG  B 1 4  ? -8.877  0.762   -1.387  1.00 39.07 ? 14  DG  B "C3'" 1 
ATOM   269 O  "O3'" . DG  B 1 4  ? -9.708  0.929   -0.244  1.00 41.65 ? 14  DG  B "O3'" 1 
ATOM   270 C  "C2'" . DG  B 1 4  ? -8.805  -0.723  -1.726  1.00 36.88 ? 14  DG  B "C2'" 1 
ATOM   271 C  "C1'" . DG  B 1 4  ? -8.502  -0.654  -3.235  1.00 34.12 ? 14  DG  B "C1'" 1 
ATOM   272 N  N9    . DG  B 1 4  ? -7.048  -0.606  -3.533  1.00 29.70 ? 14  DG  B N9    1 
ATOM   273 C  C8    . DG  B 1 4  ? -6.305  0.424   -4.049  1.00 29.22 ? 14  DG  B C8    1 
ATOM   274 N  N7    . DG  B 1 4  ? -5.041  0.139   -4.185  1.00 29.98 ? 14  DG  B N7    1 
ATOM   275 C  C5    . DG  B 1 4  ? -4.935  -1.167  -3.742  1.00 25.30 ? 14  DG  B C5    1 
ATOM   276 C  C6    . DG  B 1 4  ? -3.812  -2.003  -3.672  1.00 29.65 ? 14  DG  B C6    1 
ATOM   277 O  O6    . DG  B 1 4  ? -2.673  -1.746  -4.012  1.00 30.16 ? 14  DG  B O6    1 
ATOM   278 N  N1    . DG  B 1 4  ? -4.105  -3.232  -3.147  1.00 32.24 ? 14  DG  B N1    1 
ATOM   279 C  C2    . DG  B 1 4  ? -5.353  -3.623  -2.734  1.00 31.95 ? 14  DG  B C2    1 
ATOM   280 N  N2    . DG  B 1 4  ? -5.482  -4.863  -2.231  1.00 29.60 ? 14  DG  B N2    1 
ATOM   281 N  N3    . DG  B 1 4  ? -6.418  -2.825  -2.822  1.00 26.24 ? 14  DG  B N3    1 
ATOM   282 C  C4    . DG  B 1 4  ? -6.143  -1.626  -3.330  1.00 27.72 ? 14  DG  B C4    1 
ATOM   283 P  P     . DG  B 1 5  ? -9.045  1.280   1.152   1.00 42.60 ? 15  DG  B P     1 
ATOM   284 O  OP1   . DG  B 1 5  ? -10.130 1.618   2.089   1.00 45.00 ? 15  DG  B OP1   1 
ATOM   285 O  OP2   . DG  B 1 5  ? -7.977  2.260   0.903   1.00 42.05 ? 15  DG  B OP2   1 
ATOM   286 O  "O5'" . DG  B 1 5  ? -8.398  -0.092  1.563   1.00 35.04 ? 15  DG  B "O5'" 1 
ATOM   287 C  "C5'" . DG  B 1 5  ? -9.223  -1.112  2.025   1.00 32.79 ? 15  DG  B "C5'" 1 
ATOM   288 C  "C4'" . DG  B 1 5  ? -8.418  -2.375  2.035   1.00 34.85 ? 15  DG  B "C4'" 1 
ATOM   289 O  "O4'" . DG  B 1 5  ? -7.774  -2.474  0.785   1.00 33.17 ? 15  DG  B "O4'" 1 
ATOM   290 C  "C3'" . DG  B 1 5  ? -7.290  -2.514  3.014   1.00 33.45 ? 15  DG  B "C3'" 1 
ATOM   291 O  "O3'" . DG  B 1 5  ? -7.866  -2.953  4.242   1.00 39.24 ? 15  DG  B "O3'" 1 
ATOM   292 C  "C2'" . DG  B 1 5  ? -6.613  -3.722  2.399   1.00 30.93 ? 15  DG  B "C2'" 1 
ATOM   293 C  "C1'" . DG  B 1 5  ? -6.595  -3.289  0.959   1.00 29.05 ? 15  DG  B "C1'" 1 
ATOM   294 N  N9    . DG  B 1 5  ? -5.384  -2.525  0.616   1.00 22.97 ? 15  DG  B N9    1 
ATOM   295 C  C8    . DG  B 1 5  ? -5.273  -1.214  0.203   1.00 20.11 ? 15  DG  B C8    1 
ATOM   296 N  N7    . DG  B 1 5  ? -4.057  -0.906  -0.140  1.00 24.08 ? 15  DG  B N7    1 
ATOM   297 C  C5    . DG  B 1 5  ? -3.317  -2.055  0.063   1.00 20.41 ? 15  DG  B C5    1 
ATOM   298 C  C6    . DG  B 1 5  ? -1.929  -2.276  -0.071  1.00 25.79 ? 15  DG  B C6    1 
ATOM   299 O  O6    . DG  B 1 5  ? -1.102  -1.496  -0.518  1.00 24.16 ? 15  DG  B O6    1 
ATOM   300 N  N1    . DG  B 1 5  ? -1.558  -3.559  0.322   1.00 20.98 ? 15  DG  B N1    1 
ATOM   301 C  C2    . DG  B 1 5  ? -2.418  -4.502  0.787   1.00 23.45 ? 15  DG  B C2    1 
ATOM   302 N  N2    . DG  B 1 5  ? -1.889  -5.636  1.226   1.00 24.56 ? 15  DG  B N2    1 
ATOM   303 N  N3    . DG  B 1 5  ? -3.721  -4.273  0.896   1.00 27.74 ? 15  DG  B N3    1 
ATOM   304 C  C4    . DG  B 1 5  ? -4.109  -3.042  0.527   1.00 20.25 ? 15  DG  B C4    1 
ATOM   305 P  P     . DC  B 1 6  ? -7.096  -2.657  5.626   1.00 37.52 ? 16  DC  B P     1 
ATOM   306 O  OP1   . DC  B 1 6  ? -8.058  -2.918  6.728   1.00 39.74 ? 16  DC  B OP1   1 
ATOM   307 O  OP2   . DC  B 1 6  ? -6.413  -1.326  5.510   1.00 33.09 ? 16  DC  B OP2   1 
ATOM   308 O  "O5'" . DC  B 1 6  ? -6.000  -3.849  5.642   1.00 38.94 ? 16  DC  B "O5'" 1 
ATOM   309 C  "C5'" . DC  B 1 6  ? -6.370  -5.168  5.975   1.00 38.55 ? 16  DC  B "C5'" 1 
ATOM   310 C  "C4'" . DC  B 1 6  ? -5.125  -5.976  6.068   1.00 42.11 ? 16  DC  B "C4'" 1 
ATOM   311 O  "O4'" . DC  B 1 6  ? -4.433  -5.822  4.822   1.00 40.15 ? 16  DC  B "O4'" 1 
ATOM   312 C  "C3'" . DC  B 1 6  ? -4.164  -5.399  7.074   1.00 43.18 ? 16  DC  B "C3'" 1 
ATOM   313 O  "O3'" . DC  B 1 6  ? -4.531  -5.910  8.345   1.00 42.32 ? 16  DC  B "O3'" 1 
ATOM   314 C  "C2'" . DC  B 1 6  ? -2.906  -6.082  6.589   1.00 39.65 ? 16  DC  B "C2'" 1 
ATOM   315 C  "C1'" . DC  B 1 6  ? -3.028  -5.820  5.087   1.00 35.29 ? 16  DC  B "C1'" 1 
ATOM   316 N  N1    . DC  B 1 6  ? -2.397  -4.584  4.549   1.00 28.46 ? 16  DC  B N1    1 
ATOM   317 C  C2    . DC  B 1 6  ? -1.092  -4.694  4.161   1.00 29.05 ? 16  DC  B C2    1 
ATOM   318 O  O2    . DC  B 1 6  ? -0.474  -5.741  4.346   1.00 33.51 ? 16  DC  B O2    1 
ATOM   319 N  N3    . DC  B 1 6  ? -0.524  -3.622  3.561   1.00 22.60 ? 16  DC  B N3    1 
ATOM   320 C  C4    . DC  B 1 6  ? -1.195  -2.492  3.355   1.00 24.92 ? 16  DC  B C4    1 
ATOM   321 N  N4    . DC  B 1 6  ? -0.629  -1.470  2.722   1.00 22.90 ? 16  DC  B N4    1 
ATOM   322 C  C5    . DC  B 1 6  ? -2.524  -2.357  3.755   1.00 20.50 ? 16  DC  B C5    1 
ATOM   323 C  C6    . DC  B 1 6  ? -3.076  -3.423  4.343   1.00 28.30 ? 16  DC  B C6    1 
ATOM   324 P  P     . DC  B 1 7  ? -4.170  -5.011  9.620   1.00 47.53 ? 17  DC  B P     1 
ATOM   325 O  OP1   . DC  B 1 7  ? -4.803  -5.599  10.815  1.00 47.79 ? 17  DC  B OP1   1 
ATOM   326 O  OP2   . DC  B 1 7  ? -4.388  -3.577  9.320   1.00 41.18 ? 17  DC  B OP2   1 
ATOM   327 O  "O5'" . DC  B 1 7  ? -2.623  -5.343  9.688   1.00 41.37 ? 17  DC  B "O5'" 1 
ATOM   328 C  "C5'" . DC  B 1 7  ? -1.700  -4.502  10.294  1.00 40.49 ? 17  DC  B "C5'" 1 
ATOM   329 C  "C4'" . DC  B 1 7  ? -0.360  -4.951  9.826   1.00 37.04 ? 17  DC  B "C4'" 1 
ATOM   330 O  "O4'" . DC  B 1 7  ? -0.330  -4.879  8.408   1.00 33.10 ? 17  DC  B "O4'" 1 
ATOM   331 C  "C3'" . DC  B 1 7  ? 0.638   -3.923  10.267  1.00 37.60 ? 17  DC  B "C3'" 1 
ATOM   332 O  "O3'" . DC  B 1 7  ? 1.095   -4.374  11.521  1.00 40.80 ? 17  DC  B "O3'" 1 
ATOM   333 C  "C2'" . DC  B 1 7  ? 1.736   -4.115  9.247   1.00 32.76 ? 17  DC  B "C2'" 1 
ATOM   334 C  "C1'" . DC  B 1 7  ? 0.903   -4.270  7.980   1.00 29.24 ? 17  DC  B "C1'" 1 
ATOM   335 N  N1    . DC  B 1 7  ? 0.658   -3.002  7.254   1.00 23.35 ? 17  DC  B N1    1 
ATOM   336 C  C2    . DC  B 1 7  ? 1.732   -2.436  6.597   1.00 24.50 ? 17  DC  B C2    1 
ATOM   337 O  O2    . DC  B 1 7  ? 2.829   -2.993  6.537   1.00 30.18 ? 17  DC  B O2    1 
ATOM   338 N  N3    . DC  B 1 7  ? 1.503   -1.270  5.938   1.00 28.10 ? 17  DC  B N3    1 
ATOM   339 C  C4    . DC  B 1 7  ? 0.302   -0.670  5.892   1.00 24.77 ? 17  DC  B C4    1 
ATOM   340 N  N4    . DC  B 1 7  ? 0.136   0.456   5.195   1.00 26.98 ? 17  DC  B N4    1 
ATOM   341 C  C5    . DC  B 1 7  ? -0.811  -1.236  6.555   1.00 15.68 ? 17  DC  B C5    1 
ATOM   342 C  C6    . DC  B 1 7  ? -0.586  -2.391  7.213   1.00 24.75 ? 17  DC  B C6    1 
HETATM 343 BR BR    . CBR B 1 8  ? 0.580   0.288   9.582   1.00 44.70 ? 18  CBR B BR    1 
HETATM 344 P  P     . CBR B 1 8  ? 1.280   -3.292  12.651  1.00 38.10 ? 18  CBR B P     1 
HETATM 345 O  OP1   . CBR B 1 8  ? 1.467   -4.027  13.917  1.00 46.63 ? 18  CBR B OP1   1 
HETATM 346 O  OP2   . CBR B 1 8  ? 0.204   -2.287  12.527  1.00 39.50 ? 18  CBR B OP2   1 
HETATM 347 O  "O5'" . CBR B 1 8  ? 2.665   -2.620  12.191  1.00 39.76 ? 18  CBR B "O5'" 1 
HETATM 348 N  N1    . CBR B 1 8  ? 4.469   -0.475  9.354   1.00 28.77 ? 18  CBR B N1    1 
HETATM 349 C  C6    . CBR B 1 8  ? 3.153   -0.513  9.647   1.00 29.78 ? 18  CBR B C6    1 
HETATM 350 C  C2    . CBR B 1 8  ? 4.970   0.491   8.465   1.00 30.44 ? 18  CBR B C2    1 
HETATM 351 O  O2    . CBR B 1 8  ? 6.153   0.523   8.125   1.00 30.17 ? 18  CBR B O2    1 
HETATM 352 N  N3    . CBR B 1 8  ? 4.089   1.384   7.921   1.00 26.28 ? 18  CBR B N3    1 
HETATM 353 C  C4    . CBR B 1 8  ? 2.802   1.325   8.215   1.00 27.56 ? 18  CBR B C4    1 
HETATM 354 N  N4    . CBR B 1 8  ? 1.932   2.194   7.719   1.00 29.27 ? 18  CBR B N4    1 
HETATM 355 C  C5    . CBR B 1 8  ? 2.323   0.368   9.091   1.00 23.96 ? 18  CBR B C5    1 
HETATM 356 C  "C2'" . CBR B 1 8  ? 6.221   -0.952  11.035  1.00 37.97 ? 18  CBR B "C2'" 1 
HETATM 357 C  "C5'" . CBR B 1 8  ? 3.864   -3.374  12.479  1.00 40.84 ? 18  CBR B "C5'" 1 
HETATM 358 C  "C4'" . CBR B 1 8  ? 5.054   -2.744  11.819  1.00 38.55 ? 18  CBR B "C4'" 1 
HETATM 359 O  "O4'" . CBR B 1 8  ? 4.763   -2.630  10.442  1.00 36.24 ? 18  CBR B "O4'" 1 
HETATM 360 C  "C1'" . CBR B 1 8  ? 5.408   -1.468  9.918   1.00 29.73 ? 18  CBR B "C1'" 1 
HETATM 361 C  "C3'" . CBR B 1 8  ? 5.344   -1.352  12.222  1.00 41.40 ? 18  CBR B "C3'" 1 
HETATM 362 O  "O3'" . CBR B 1 8  ? 6.148   -1.435  13.412  1.00 40.91 ? 18  CBR B "O3'" 1 
ATOM   363 P  P     . DG  B 1 9  ? 6.015   -0.252  14.513  1.00 42.73 ? 19  DG  B P     1 
ATOM   364 O  OP1   . DG  B 1 9  ? 6.731   -0.756  15.703  1.00 44.02 ? 19  DG  B OP1   1 
ATOM   365 O  OP2   . DG  B 1 9  ? 4.604   0.198   14.621  1.00 39.40 ? 19  DG  B OP2   1 
ATOM   366 O  "O5'" . DG  B 1 9  ? 6.870   0.911   13.805  1.00 33.75 ? 19  DG  B "O5'" 1 
ATOM   367 C  "C5'" . DG  B 1 9  ? 8.298   0.783   13.676  1.00 41.16 ? 19  DG  B "C5'" 1 
ATOM   368 C  "C4'" . DG  B 1 9  ? 8.859   1.799   12.693  1.00 38.49 ? 19  DG  B "C4'" 1 
ATOM   369 O  "O4'" . DG  B 1 9  ? 8.283   1.649   11.431  1.00 36.49 ? 19  DG  B "O4'" 1 
ATOM   370 C  "C3'" . DG  B 1 9  ? 8.443   3.169   13.054  1.00 41.14 ? 19  DG  B "C3'" 1 
ATOM   371 O  "O3'" . DG  B 1 9  ? 9.285   3.614   14.130  1.00 42.61 ? 19  DG  B "O3'" 1 
ATOM   372 C  "C2'" . DG  B 1 9  ? 8.853   3.835   11.763  1.00 37.25 ? 19  DG  B "C2'" 1 
ATOM   373 C  "C1'" . DG  B 1 9  ? 8.166   2.931   10.818  1.00 33.14 ? 19  DG  B "C1'" 1 
ATOM   374 N  N9    . DG  B 1 9  ? 6.731   3.324   10.640  1.00 31.22 ? 19  DG  B N9    1 
ATOM   375 C  C8    . DG  B 1 9  ? 5.545   2.780   11.143  1.00 30.92 ? 19  DG  B C8    1 
ATOM   376 N  N7    . DG  B 1 9  ? 4.471   3.446   10.832  1.00 29.39 ? 19  DG  B N7    1 
ATOM   377 C  C5    . DG  B 1 9  ? 4.972   4.487   10.066  1.00 22.69 ? 19  DG  B C5    1 
ATOM   378 C  C6    . DG  B 1 9  ? 4.263   5.503   9.437   1.00 28.39 ? 19  DG  B C6    1 
ATOM   379 O  O6    . DG  B 1 9  ? 3.061   5.705   9.515   1.00 34.21 ? 19  DG  B O6    1 
ATOM   380 N  N1    . DG  B 1 9  ? 5.121   6.351   8.739   1.00 27.21 ? 19  DG  B N1    1 
ATOM   381 C  C2    . DG  B 1 9  ? 6.503   6.219   8.666   1.00 29.27 ? 19  DG  B C2    1 
ATOM   382 N  N2    . DG  B 1 9  ? 7.167   7.140   7.969   1.00 26.33 ? 19  DG  B N2    1 
ATOM   383 N  N3    . DG  B 1 9  ? 7.177   5.238   9.267   1.00 28.64 ? 19  DG  B N3    1 
ATOM   384 C  C4    . DG  B 1 9  ? 6.332   4.423   9.944   1.00 26.64 ? 19  DG  B C4    1 
ATOM   385 P  P     . DG  B 1 10 ? 8.696   4.669   15.212  1.00 37.39 ? 20  DG  B P     1 
ATOM   386 O  OP1   . DG  B 1 10 ? 9.683   4.745   16.305  1.00 45.13 ? 20  DG  B OP1   1 
ATOM   387 O  OP2   . DG  B 1 10 ? 7.273   4.399   15.560  1.00 35.41 ? 20  DG  B OP2   1 
ATOM   388 O  "O5'" . DG  B 1 10 ? 8.777   6.032   14.351  1.00 42.43 ? 20  DG  B "O5'" 1 
ATOM   389 C  "C5'" . DG  B 1 10 ? 10.044  6.598   14.002  1.00 40.04 ? 20  DG  B "C5'" 1 
ATOM   390 C  "C4'" . DG  B 1 10 ? 9.838   7.862   13.192  1.00 41.38 ? 20  DG  B "C4'" 1 
ATOM   391 O  "O4'" . DG  B 1 10 ? 9.108   7.559   12.008  1.00 41.80 ? 20  DG  B "O4'" 1 
ATOM   392 C  "C3'" . DG  B 1 10 ? 8.983   8.905   13.896  1.00 41.91 ? 20  DG  B "C3'" 1 
ATOM   393 O  "O3'" . DG  B 1 10 ? 9.694   9.632   14.888  1.00 44.98 ? 20  DG  B "O3'" 1 
ATOM   394 C  "C2'" . DG  B 1 10 ? 8.571   9.750   12.731  1.00 38.54 ? 20  DG  B "C2'" 1 
ATOM   395 C  "C1'" . DG  B 1 10 ? 8.206   8.655   11.740  1.00 37.09 ? 20  DG  B "C1'" 1 
ATOM   396 N  N9    . DG  B 1 10 ? 6.782   8.278   11.858  1.00 34.83 ? 20  DG  B N9    1 
ATOM   397 C  C8    . DG  B 1 10 ? 6.137   7.278   12.563  1.00 33.90 ? 20  DG  B C8    1 
ATOM   398 N  N7    . DG  B 1 10 ? 4.846   7.222   12.371  1.00 31.52 ? 20  DG  B N7    1 
ATOM   399 C  C5    . DG  B 1 10 ? 4.630   8.258   11.475  1.00 35.32 ? 20  DG  B C5    1 
ATOM   400 C  C6    . DG  B 1 10 ? 3.446   8.643   10.830  1.00 35.27 ? 20  DG  B C6    1 
ATOM   401 O  O6    . DG  B 1 10 ? 2.331   8.174   11.003  1.00 38.95 ? 20  DG  B O6    1 
ATOM   402 N  N1    . DG  B 1 10 ? 3.640   9.675   9.937   1.00 37.80 ? 20  DG  B N1    1 
ATOM   403 C  C2    . DG  B 1 10 ? 4.857   10.263  9.685   1.00 40.25 ? 20  DG  B C2    1 
ATOM   404 N  N2    . DG  B 1 10 ? 4.856   11.232  8.775   1.00 41.69 ? 20  DG  B N2    1 
ATOM   405 N  N3    . DG  B 1 10 ? 5.991   9.907   10.293  1.00 39.34 ? 20  DG  B N3    1 
ATOM   406 C  C4    . DG  B 1 10 ? 5.798   8.903   11.171  1.00 35.54 ? 20  DG  B C4    1 
HETATM 407 O  O     . HOH C 2 .  ? 2.243   1.036   0.730   1.00 62.91 ? 24  HOH A O     1 
HETATM 408 O  O     . HOH C 2 .  ? 6.562   -2.968  -2.010  1.00 55.09 ? 25  HOH A O     1 
HETATM 409 O  O     . HOH C 2 .  ? -2.086  -6.954  -9.525  1.00 35.90 ? 26  HOH A O     1 
HETATM 410 O  O     . HOH C 2 .  ? -0.776  -3.640  -8.202  1.00 49.19 ? 27  HOH A O     1 
HETATM 411 O  O     . HOH C 2 .  ? -10.374 -2.308  -9.215  1.00 49.29 ? 30  HOH A O     1 
HETATM 412 O  O     . HOH C 2 .  ? 12.090  10.229  -0.110  1.00 49.85 ? 31  HOH A O     1 
HETATM 413 O  O     . HOH C 2 .  ? -11.911 -4.345  -11.441 1.00 66.23 ? 32  HOH A O     1 
HETATM 414 O  O     . HOH C 2 .  ? 5.130   0.468   -0.151  1.00 50.04 ? 33  HOH A O     1 
HETATM 415 O  O     . HOH C 2 .  ? 3.430   -0.108  -2.380  1.00 52.38 ? 34  HOH A O     1 
HETATM 416 O  O     . HOH C 2 .  ? 3.154   4.465   0.602   1.00 74.95 ? 37  HOH A O     1 
HETATM 417 O  O     . HOH C 2 .  ? 2.306   6.275   3.158   1.00 71.67 ? 42  HOH A O     1 
HETATM 418 O  O     . HOH C 2 .  ? 13.578  -3.661  -0.507  1.00 48.29 ? 45  HOH A O     1 
HETATM 419 O  O     . HOH C 2 .  ? 12.582  -5.764  1.171   1.00 51.20 ? 46  HOH A O     1 
HETATM 420 O  O     . HOH C 2 .  ? 6.025   2.926   -3.351  1.00 70.26 ? 47  HOH A O     1 
HETATM 421 O  O     . HOH C 2 .  ? -3.460  -8.182  -12.528 1.00 43.76 ? 50  HOH A O     1 
HETATM 422 O  O     . HOH C 2 .  ? -3.623  -13.357 -0.899  1.00 69.82 ? 51  HOH A O     1 
HETATM 423 O  O     . HOH C 2 .  ? -0.845  -14.454 -4.743  1.00 61.11 ? 52  HOH A O     1 
HETATM 424 O  O     . HOH C 2 .  ? 6.605   4.841   -0.655  1.00 40.52 ? 53  HOH A O     1 
HETATM 425 O  O     . HOH C 2 .  ? 9.387   11.346  -0.974  1.00 52.27 ? 54  HOH A O     1 
HETATM 426 O  O     . HOH C 2 .  ? 13.984  0.564   -0.347  1.00 59.50 ? 56  HOH A O     1 
HETATM 427 O  O     . HOH C 2 .  ? 12.677  7.595   0.984   1.00 65.23 ? 57  HOH A O     1 
HETATM 428 O  O     . HOH C 2 .  ? -13.810 -8.402  -17.754 1.00 66.07 ? 58  HOH A O     1 
HETATM 429 O  O     . HOH C 2 .  ? -4.456  -14.930 -5.817  1.00 72.17 ? 59  HOH A O     1 
HETATM 430 O  O     . HOH C 2 .  ? 10.619  -12.874 -4.210  1.00 74.96 ? 74  HOH A O     1 
HETATM 431 O  O     . HOH C 2 .  ? 7.781   -11.416 -2.850  1.00 65.75 ? 75  HOH A O     1 
HETATM 432 O  O     . HOH C 2 .  ? -1.064  -5.440  -11.994 1.00 69.43 ? 81  HOH A O     1 
HETATM 433 O  O     . HOH C 2 .  ? -0.682  -7.973  -13.578 1.00 58.25 ? 82  HOH A O     1 
HETATM 434 O  O     . HOH C 2 .  ? 15.028  7.145   3.189   1.00 78.73 ? 83  HOH A O     1 
HETATM 435 O  O     . HOH C 2 .  ? 0.336   -11.055 -6.273  1.00 62.59 ? 84  HOH A O     1 
HETATM 436 O  O     . HOH C 2 .  ? 0.348   -13.804 -7.040  1.00 72.62 ? 85  HOH A O     1 
HETATM 437 O  O     . HOH C 2 .  ? 1.114   -1.787  -6.628  1.00 77.23 ? 86  HOH A O     1 
HETATM 438 O  O     . HOH C 2 .  ? 4.644   -5.516  -5.189  1.00 78.14 ? 87  HOH A O     1 
HETATM 439 O  O     . HOH C 2 .  ? 12.276  -7.700  -1.092  1.00 80.65 ? 88  HOH A O     1 
HETATM 440 O  O     . HOH C 2 .  ? -4.191  9.141   7.510   1.00 74.84 ? 90  HOH A O     1 
HETATM 441 O  O     . HOH C 2 .  ? -4.351  11.805  7.163   1.00 77.20 ? 91  HOH A O     1 
HETATM 442 O  O     . HOH C 2 .  ? -4.311  14.941  5.861   1.00 74.88 ? 92  HOH A O     1 
HETATM 443 O  O     . HOH C 2 .  ? 0.826   3.542   2.772   1.00 59.38 ? 96  HOH A O     1 
HETATM 444 O  O     . HOH C 2 .  ? 6.169   2.830   -5.972  1.00 72.15 ? 99  HOH A O     1 
HETATM 445 O  O     . HOH C 2 .  ? 2.519   -4.045  -4.823  1.00 70.85 ? 102 HOH A O     1 
HETATM 446 O  O     . HOH C 2 .  ? 1.695   -5.980  -7.221  1.00 73.87 ? 105 HOH A O     1 
HETATM 447 O  O     . HOH C 2 .  ? -4.443  -10.390 -7.188  1.00 65.22 ? 106 HOH A O     1 
HETATM 448 O  O     . HOH C 2 .  ? -1.489  -10.358 -10.986 1.00 72.75 ? 107 HOH A O     1 
HETATM 449 O  O     . HOH C 2 .  ? -10.567 -10.051 -16.591 1.00 89.76 ? 109 HOH A O     1 
HETATM 450 O  O     . HOH C 2 .  ? -11.467 -7.696  -16.894 1.00 64.33 ? 110 HOH A O     1 
HETATM 451 O  O     . HOH C 2 .  ? -14.465 -7.531  -13.086 1.00 76.72 ? 112 HOH A O     1 
HETATM 452 O  O     . HOH C 2 .  ? 14.767  10.298  1.370   1.00 82.10 ? 113 HOH A O     1 
HETATM 453 O  O     . HOH C 2 .  ? 0.065   -14.954 -2.143  1.00 59.11 ? 114 HOH A O     1 
HETATM 454 O  O     . HOH C 2 .  ? 9.995   -9.164  -4.227  1.00 82.17 ? 115 HOH A O     1 
HETATM 455 O  O     . HOH C 2 .  ? 7.260   -5.637  -3.790  1.00 77.09 ? 116 HOH A O     1 
HETATM 456 O  O     . HOH C 2 .  ? 11.805  -3.122  -2.449  1.00 76.99 ? 117 HOH A O     1 
HETATM 457 O  O     . HOH C 2 .  ? 6.955   2.028   -1.128  1.00 86.45 ? 118 HOH A O     1 
HETATM 458 O  O     . HOH C 2 .  ? 10.762  1.259   -1.618  1.00 86.70 ? 119 HOH A O     1 
HETATM 459 O  O     . HOH C 2 .  ? 13.339  -1.737  1.332   1.00 83.51 ? 120 HOH A O     1 
HETATM 460 O  O     . HOH C 2 .  ? 6.245   7.047   -2.995  1.00 77.32 ? 121 HOH A O     1 
HETATM 461 O  O     . HOH C 2 .  ? -0.050  7.473   2.965   1.00 68.58 ? 122 HOH A O     1 
HETATM 462 O  O     . HOH C 2 .  ? 8.165   9.989   4.840   1.00 75.44 ? 123 HOH A O     1 
HETATM 463 O  O     . HOH C 2 .  ? -1.960  13.223  1.286   1.00 75.56 ? 124 HOH A O     1 
HETATM 464 O  O     . HOH C 2 .  ? -1.934  13.253  -1.744  1.00 78.05 ? 125 HOH A O     1 
HETATM 465 O  O     . HOH C 2 .  ? -4.447  13.195  0.259   1.00 83.13 ? 126 HOH A O     1 
HETATM 466 O  O     . HOH D 2 .  ? 2.093   3.422   11.412  1.00 49.81 ? 21  HOH B O     1 
HETATM 467 O  O     . HOH D 2 .  ? 3.109   4.911   13.833  1.00 44.75 ? 22  HOH B O     1 
HETATM 468 O  O     . HOH D 2 .  ? -3.739  -1.329  7.471   1.00 64.70 ? 23  HOH B O     1 
HETATM 469 O  O     . HOH D 2 .  ? -1.898  -0.852  -6.670  1.00 36.73 ? 28  HOH B O     1 
HETATM 470 O  O     . HOH D 2 .  ? -3.042  1.373   -7.505  1.00 49.79 ? 29  HOH B O     1 
HETATM 471 O  O     . HOH D 2 .  ? -2.740  1.660   -3.817  1.00 55.54 ? 35  HOH B O     1 
HETATM 472 O  O     . HOH D 2 .  ? -2.178  0.884   2.237   1.00 55.18 ? 36  HOH B O     1 
HETATM 473 O  O     . HOH D 2 .  ? -8.947  5.109   2.701   1.00 71.27 ? 38  HOH B O     1 
HETATM 474 O  O     . HOH D 2 .  ? 0.732   2.577   -10.790 1.00 48.68 ? 39  HOH B O     1 
HETATM 475 O  O     . HOH D 2 .  ? 0.994   -0.793  -10.099 1.00 61.68 ? 40  HOH B O     1 
HETATM 476 O  O     . HOH D 2 .  ? 9.588   6.316   9.240   1.00 49.10 ? 41  HOH B O     1 
HETATM 477 O  O     . HOH D 2 .  ? 1.973   1.297   13.405  1.00 55.61 ? 43  HOH B O     1 
HETATM 478 O  O     . HOH D 2 .  ? -0.519  6.457   12.941  1.00 57.36 ? 44  HOH B O     1 
HETATM 479 O  O     . HOH D 2 .  ? 4.563   3.241   15.439  1.00 71.77 ? 48  HOH B O     1 
HETATM 480 O  O     . HOH D 2 .  ? -1.836  -0.119  11.326  1.00 54.10 ? 49  HOH B O     1 
HETATM 481 O  O     . HOH D 2 .  ? -3.394  -4.731  13.783  1.00 74.10 ? 55  HOH B O     1 
HETATM 482 O  O     . HOH D 2 .  ? -2.662  9.761   -14.227 1.00 59.94 ? 60  HOH B O     1 
HETATM 483 O  O     . HOH D 2 .  ? -12.460 5.092   -0.017  1.00 69.85 ? 61  HOH B O     1 
HETATM 484 O  O     . HOH D 2 .  ? -7.120  -0.900  9.872   1.00 70.87 ? 62  HOH B O     1 
HETATM 485 O  O     . HOH D 2 .  ? 12.079  9.546   16.429  1.00 67.27 ? 63  HOH B O     1 
HETATM 486 O  O     . HOH D 2 .  ? 0.379   5.518   10.341  1.00 66.39 ? 64  HOH B O     1 
HETATM 487 O  O     . HOH D 2 .  ? -3.101  -2.103  12.919  1.00 60.46 ? 65  HOH B O     1 
HETATM 488 O  O     . HOH D 2 .  ? -1.991  -1.751  15.652  1.00 79.18 ? 66  HOH B O     1 
HETATM 489 O  O     . HOH D 2 .  ? -8.415  -4.095  9.901   1.00 63.13 ? 67  HOH B O     1 
HETATM 490 O  O     . HOH D 2 .  ? -5.426  1.383   3.650   1.00 62.57 ? 68  HOH B O     1 
HETATM 491 O  O     . HOH D 2 .  ? -4.269  2.001   -1.138  1.00 67.41 ? 69  HOH B O     1 
HETATM 492 O  O     . HOH D 2 .  ? -13.274 2.511   -0.114  1.00 62.92 ? 70  HOH B O     1 
HETATM 493 O  O     . HOH D 2 .  ? -13.008 4.523   -2.606  1.00 72.12 ? 71  HOH B O     1 
HETATM 494 O  O     . HOH D 2 .  ? -5.471  4.811   -3.824  1.00 65.87 ? 72  HOH B O     1 
HETATM 495 O  O     . HOH D 2 .  ? -3.556  3.807   -5.169  1.00 59.82 ? 73  HOH B O     1 
HETATM 496 O  O     . HOH D 2 .  ? -3.082  8.609   -9.315  1.00 65.70 ? 76  HOH B O     1 
HETATM 497 O  O     . HOH D 2 .  ? 4.366   0.767   -13.046 1.00 57.41 ? 77  HOH B O     1 
HETATM 498 O  O     . HOH D 2 .  ? 4.919   3.251   -9.965  1.00 75.47 ? 78  HOH B O     1 
HETATM 499 O  O     . HOH D 2 .  ? -1.543  -8.356  11.768  1.00 65.56 ? 79  HOH B O     1 
HETATM 500 O  O     . HOH D 2 .  ? 0.396   -7.156  14.083  1.00 62.45 ? 80  HOH B O     1 
HETATM 501 O  O     . HOH D 2 .  ? -13.048 0.801   2.945   1.00 81.63 ? 89  HOH B O     1 
HETATM 502 O  O     . HOH D 2 .  ? -2.071  5.256   15.377  1.00 87.36 ? 93  HOH B O     1 
HETATM 503 O  O     . HOH D 2 .  ? 0.209   3.137   15.473  1.00 86.68 ? 94  HOH B O     1 
HETATM 504 O  O     . HOH D 2 .  ? 1.367   0.256   16.285  1.00 87.27 ? 95  HOH B O     1 
HETATM 505 O  O     . HOH D 2 .  ? -1.554  3.988   -0.150  1.00 89.05 ? 97  HOH B O     1 
HETATM 506 O  O     . HOH D 2 .  ? -5.817  3.466   1.006   1.00 73.88 ? 98  HOH B O     1 
HETATM 507 O  O     . HOH D 2 .  ? -0.874  5.185   -6.496  1.00 62.73 ? 100 HOH B O     1 
HETATM 508 O  O     . HOH D 2 .  ? -0.172  0.873   -2.831  1.00 83.03 ? 101 HOH B O     1 
HETATM 509 O  O     . HOH D 2 .  ? -5.030  8.025   -3.971  1.00 70.14 ? 103 HOH B O     1 
HETATM 510 O  O     . HOH D 2 .  ? -3.916  3.756   -8.170  1.00 72.70 ? 104 HOH B O     1 
HETATM 511 O  O     . HOH D 2 .  ? 13.593  3.642   13.331  1.00 68.57 ? 108 HOH B O     1 
HETATM 512 O  O     . HOH D 2 .  ? 11.678  3.674   15.183  1.00 70.30 ? 111 HOH B O     1 
# 
